data_3MDD
#
_entry.id   3MDD
#
_cell.length_a   128.820
_cell.length_b   136.130
_cell.length_c   106.140
_cell.angle_alpha   90.00
_cell.angle_beta   90.00
_cell.angle_gamma   90.00
#
_symmetry.space_group_name_H-M   'C 2 2 21'
#
loop_
_entity.id
_entity.type
_entity.pdbx_description
1 polymer 'MEDIUM CHAIN ACYL-COA DEHYDROGENASE'
2 non-polymer 'FLAVIN-ADENINE DINUCLEOTIDE'
3 water water
#
_entity_poly.entity_id   1
_entity_poly.type   'polypeptide(L)'
_entity_poly.pdbx_seq_one_letter_code
;GFSFELTEQQKEFQATARKFAREEIIPVAAEYDRTGEYPVPLLKRAWELGLMNTHIPESFGGLGLGIIDSCLITEELAYG
CTGVQTAIEANTLGQVPLIIGGNYQQQKKYLGRMTEEPLMCAYCVTEPGAGSDVAGIKTKAEKKGDEYIINGQKMWITNG
GKANWYFLLARSDPDPKAPASKAFTGFIVEADTPGVQIGRKEINMGQRCSDTRGIVFEDVRVPKENVLTGEGAGFKIAMG
TFDKTRPPVAAGAVGLAQRALDEATKYALERKTFGKLLAEHQGISFLLADMAMKVELARLSYQRAAWEIDSGRRNTYYAS
IAKAYAADIANQLATDAVQVFGGNGFNTEYPVEKLMRDAKIYQIYEGTAQIQRIIIAREHIGRYK
;
_entity_poly.pdbx_strand_id   A,B
#
loop_
_chem_comp.id
_chem_comp.type
_chem_comp.name
_chem_comp.formula
FAD non-polymer 'FLAVIN-ADENINE DINUCLEOTIDE' 'C27 H33 N9 O15 P2'
#
# COMPACT_ATOMS: atom_id res chain seq x y z
N GLY A 1 29.24 -22.50 22.44
CA GLY A 1 29.30 -22.25 21.00
C GLY A 1 27.92 -21.83 20.49
N PHE A 2 27.80 -21.80 19.18
CA PHE A 2 26.58 -21.41 18.48
C PHE A 2 25.48 -22.45 18.70
N SER A 3 24.25 -21.96 18.63
CA SER A 3 23.05 -22.79 18.79
C SER A 3 21.83 -21.98 18.33
N PHE A 4 21.11 -22.59 17.43
CA PHE A 4 19.90 -22.02 16.81
C PHE A 4 18.73 -22.97 17.09
N GLU A 5 18.85 -23.66 18.20
CA GLU A 5 17.88 -24.64 18.65
C GLU A 5 17.06 -24.08 19.81
N LEU A 6 15.76 -24.18 19.66
CA LEU A 6 14.80 -23.72 20.65
C LEU A 6 14.75 -24.72 21.80
N THR A 7 14.35 -24.21 22.96
CA THR A 7 14.20 -25.07 24.16
C THR A 7 12.81 -25.70 24.06
N GLU A 8 12.59 -26.72 24.85
CA GLU A 8 11.33 -27.46 24.91
C GLU A 8 10.17 -26.55 25.28
N GLN A 9 10.45 -25.69 26.25
CA GLN A 9 9.48 -24.72 26.78
C GLN A 9 9.11 -23.73 25.68
N GLN A 10 10.11 -23.33 24.94
CA GLN A 10 9.95 -22.38 23.83
C GLN A 10 9.11 -23.00 22.71
N LYS A 11 9.46 -24.23 22.37
CA LYS A 11 8.74 -24.96 21.31
C LYS A 11 7.26 -25.03 21.64
N GLU A 12 6.96 -25.23 22.92
CA GLU A 12 5.58 -25.33 23.39
C GLU A 12 4.87 -23.98 23.35
N PHE A 13 5.62 -22.83 23.77
CA PHE A 13 4.93 -21.53 23.61
C PHE A 13 4.56 -21.32 22.14
N GLN A 14 5.60 -21.58 21.31
CA GLN A 14 5.53 -21.37 19.85
C GLN A 14 4.33 -22.11 19.24
N ALA A 15 4.17 -23.35 19.64
CA ALA A 15 3.07 -24.20 19.15
C ALA A 15 1.73 -23.60 19.53
N THR A 16 1.63 -23.20 20.78
CA THR A 16 0.42 -22.59 21.34
C THR A 16 0.03 -21.32 20.58
N ALA A 17 1.03 -20.51 20.30
CA ALA A 17 0.89 -19.25 19.58
C ALA A 17 0.51 -19.46 18.12
N ARG A 18 1.13 -20.48 17.54
CA ARG A 18 0.89 -20.84 16.13
C ARG A 18 -0.54 -21.34 15.93
N LYS A 19 -0.99 -22.20 16.82
CA LYS A 19 -2.34 -22.78 16.74
C LYS A 19 -3.38 -21.68 16.85
N PHE A 20 -3.13 -20.79 17.82
CA PHE A 20 -4.03 -19.65 18.07
C PHE A 20 -4.13 -18.76 16.83
N ALA A 21 -2.99 -18.42 16.28
CA ALA A 21 -2.90 -17.54 15.10
C ALA A 21 -3.56 -18.10 13.86
N ARG A 22 -3.32 -19.36 13.57
CA ARG A 22 -3.83 -20.04 12.38
C ARG A 22 -5.27 -20.51 12.51
N GLU A 23 -5.69 -20.87 13.71
CA GLU A 23 -7.04 -21.35 13.95
C GLU A 23 -8.03 -20.31 14.45
N GLU A 24 -7.55 -19.25 15.09
CA GLU A 24 -8.49 -18.24 15.64
C GLU A 24 -8.38 -16.87 15.04
N ILE A 25 -7.18 -16.36 14.83
CA ILE A 25 -6.97 -15.03 14.26
C ILE A 25 -7.37 -15.00 12.78
N ILE A 26 -6.58 -15.69 11.99
CA ILE A 26 -6.70 -15.78 10.53
C ILE A 26 -8.11 -15.78 10.00
N PRO A 27 -8.95 -16.71 10.41
CA PRO A 27 -10.31 -16.83 9.91
C PRO A 27 -11.20 -15.64 10.24
N VAL A 28 -10.71 -14.75 11.09
CA VAL A 28 -11.54 -13.58 11.48
C VAL A 28 -10.87 -12.25 11.20
N ALA A 29 -9.59 -12.26 10.91
CA ALA A 29 -8.76 -11.10 10.67
C ALA A 29 -9.23 -10.18 9.54
N ALA A 30 -9.75 -10.77 8.50
CA ALA A 30 -10.23 -10.05 7.32
C ALA A 30 -11.39 -9.12 7.62
N GLU A 31 -12.30 -9.60 8.43
CA GLU A 31 -13.51 -8.89 8.84
C GLU A 31 -13.19 -7.69 9.73
N TYR A 32 -12.27 -7.87 10.66
CA TYR A 32 -11.84 -6.82 11.58
C TYR A 32 -11.10 -5.70 10.85
N ASP A 33 -10.52 -6.08 9.72
CA ASP A 33 -9.78 -5.11 8.89
C ASP A 33 -10.82 -4.19 8.22
N ARG A 34 -11.92 -4.79 7.84
CA ARG A 34 -13.02 -4.11 7.16
C ARG A 34 -13.87 -3.25 8.09
N THR A 35 -14.11 -3.75 9.29
CA THR A 35 -14.95 -3.09 10.27
C THR A 35 -14.17 -2.13 11.16
N GLY A 36 -12.99 -2.56 11.56
CA GLY A 36 -12.09 -1.81 12.41
C GLY A 36 -12.49 -1.91 13.89
N GLU A 37 -13.43 -2.91 14.19
CA GLU A 37 -13.79 -3.17 15.60
C GLU A 37 -12.56 -3.61 16.38
N TYR A 38 -12.57 -3.26 17.64
CA TYR A 38 -11.48 -3.74 18.55
C TYR A 38 -11.74 -5.24 18.73
N PRO A 39 -10.69 -6.01 18.48
CA PRO A 39 -10.76 -7.47 18.54
C PRO A 39 -10.81 -8.03 19.94
N VAL A 40 -11.75 -7.52 20.73
CA VAL A 40 -11.94 -7.90 22.14
C VAL A 40 -11.87 -9.39 22.38
N PRO A 41 -12.68 -10.17 21.72
CA PRO A 41 -12.70 -11.63 21.90
C PRO A 41 -11.37 -12.29 21.65
N LEU A 42 -10.63 -11.77 20.68
CA LEU A 42 -9.31 -12.32 20.32
C LEU A 42 -8.34 -12.08 21.49
N LEU A 43 -8.42 -10.88 22.02
CA LEU A 43 -7.58 -10.43 23.14
C LEU A 43 -7.89 -11.21 24.41
N LYS A 44 -9.17 -11.39 24.69
CA LYS A 44 -9.60 -12.15 25.88
C LYS A 44 -9.01 -13.56 25.84
N ARG A 45 -8.86 -14.07 24.63
CA ARG A 45 -8.29 -15.38 24.36
C ARG A 45 -6.78 -15.40 24.60
N ALA A 46 -6.13 -14.46 23.94
CA ALA A 46 -4.67 -14.28 24.00
C ALA A 46 -4.23 -14.30 25.47
N TRP A 47 -4.96 -13.54 26.27
CA TRP A 47 -4.71 -13.41 27.71
C TRP A 47 -4.80 -14.76 28.40
N GLU A 48 -5.94 -15.39 28.26
CA GLU A 48 -6.27 -16.69 28.83
C GLU A 48 -5.25 -17.76 28.49
N LEU A 49 -4.72 -17.68 27.29
CA LEU A 49 -3.76 -18.64 26.74
C LEU A 49 -2.34 -18.30 27.16
N GLY A 50 -2.21 -17.15 27.82
CA GLY A 50 -0.95 -16.65 28.33
C GLY A 50 -0.01 -16.11 27.26
N LEU A 51 -0.57 -15.59 26.18
CA LEU A 51 0.19 -15.01 25.08
C LEU A 51 0.07 -13.47 25.15
N MET A 52 -0.04 -12.97 26.36
CA MET A 52 -0.19 -11.52 26.60
C MET A 52 0.52 -11.18 27.91
N ASN A 53 1.11 -10.01 27.97
CA ASN A 53 1.85 -9.54 29.14
C ASN A 53 2.89 -10.60 29.57
N THR A 54 3.60 -11.17 28.63
CA THR A 54 4.58 -12.20 28.92
C THR A 54 5.80 -11.75 29.70
N HIS A 55 6.14 -10.48 29.67
CA HIS A 55 7.34 -9.96 30.35
C HIS A 55 7.13 -9.67 31.83
N ILE A 56 5.89 -9.63 32.27
CA ILE A 56 5.56 -9.36 33.68
C ILE A 56 6.17 -10.46 34.56
N PRO A 57 6.98 -10.02 35.52
CA PRO A 57 7.65 -10.93 36.45
C PRO A 57 6.63 -11.81 37.17
N GLU A 58 7.11 -12.99 37.53
CA GLU A 58 6.32 -14.01 38.22
C GLU A 58 5.78 -13.53 39.56
N SER A 59 6.54 -12.66 40.21
CA SER A 59 6.16 -12.14 41.53
C SER A 59 4.83 -11.39 41.46
N PHE A 60 4.42 -10.99 40.27
CA PHE A 60 3.17 -10.25 40.07
C PHE A 60 2.20 -11.09 39.23
N GLY A 61 2.34 -12.40 39.35
CA GLY A 61 1.50 -13.36 38.65
C GLY A 61 1.78 -13.49 37.16
N GLY A 62 2.90 -12.97 36.73
CA GLY A 62 3.32 -13.03 35.31
C GLY A 62 4.09 -14.32 35.06
N LEU A 63 4.49 -14.48 33.80
CA LEU A 63 5.24 -15.68 33.37
C LEU A 63 6.74 -15.38 33.38
N GLY A 64 7.07 -14.10 33.43
CA GLY A 64 8.42 -13.59 33.44
C GLY A 64 9.28 -14.15 32.31
N LEU A 65 8.72 -14.19 31.13
CA LEU A 65 9.39 -14.68 29.91
C LEU A 65 10.43 -13.68 29.43
N GLY A 66 11.43 -14.19 28.74
CA GLY A 66 12.55 -13.39 28.20
C GLY A 66 12.15 -12.75 26.87
N ILE A 67 13.12 -12.00 26.33
CA ILE A 67 12.93 -11.28 25.06
C ILE A 67 12.96 -12.23 23.87
N ILE A 68 13.67 -13.32 24.01
CA ILE A 68 13.75 -14.35 22.96
C ILE A 68 12.36 -14.98 22.85
N ASP A 69 11.84 -15.33 24.02
CA ASP A 69 10.51 -15.94 24.16
C ASP A 69 9.45 -15.10 23.47
N SER A 70 9.34 -13.84 23.87
CA SER A 70 8.33 -12.91 23.34
C SER A 70 8.42 -12.80 21.81
N CYS A 71 9.62 -12.69 21.30
CA CYS A 71 9.90 -12.59 19.86
C CYS A 71 9.31 -13.80 19.13
N LEU A 72 9.52 -14.94 19.75
CA LEU A 72 9.06 -16.24 19.25
C LEU A 72 7.54 -16.26 19.12
N ILE A 73 6.88 -15.80 20.17
CA ILE A 73 5.42 -15.73 20.24
C ILE A 73 4.89 -14.71 19.24
N THR A 74 5.47 -13.53 19.30
CA THR A 74 5.11 -12.40 18.43
C THR A 74 5.02 -12.80 16.98
N GLU A 75 6.11 -13.41 16.50
CA GLU A 75 6.23 -13.81 15.09
C GLU A 75 5.04 -14.65 14.63
N GLU A 76 4.64 -15.56 15.51
CA GLU A 76 3.51 -16.45 15.24
C GLU A 76 2.21 -15.67 15.14
N LEU A 77 2.00 -14.78 16.08
CA LEU A 77 0.82 -13.93 16.19
C LEU A 77 0.69 -13.00 14.98
N ALA A 78 1.75 -12.25 14.76
CA ALA A 78 1.86 -11.30 13.67
C ALA A 78 1.48 -11.96 12.34
N TYR A 79 1.89 -13.20 12.20
CA TYR A 79 1.63 -14.01 11.00
C TYR A 79 0.14 -14.01 10.67
N GLY A 80 -0.67 -14.02 11.71
CA GLY A 80 -2.14 -14.04 11.60
C GLY A 80 -2.70 -12.69 11.22
N CYS A 81 -2.36 -11.69 12.00
CA CYS A 81 -2.80 -10.30 11.82
C CYS A 81 -1.94 -9.41 12.75
N THR A 82 -1.36 -8.41 12.15
CA THR A 82 -0.49 -7.48 12.94
C THR A 82 -1.37 -6.40 13.53
N GLY A 83 -2.61 -6.37 13.05
CA GLY A 83 -3.62 -5.43 13.56
C GLY A 83 -3.89 -5.88 15.01
N VAL A 84 -4.26 -7.15 15.13
CA VAL A 84 -4.54 -7.77 16.43
C VAL A 84 -3.29 -7.78 17.31
N GLN A 85 -2.20 -8.28 16.75
CA GLN A 85 -0.92 -8.42 17.45
C GLN A 85 -0.38 -7.12 18.01
N THR A 86 -0.46 -6.04 17.28
CA THR A 86 0.04 -4.73 17.71
C THR A 86 -0.68 -4.27 18.97
N ALA A 87 -1.91 -4.72 19.12
CA ALA A 87 -2.73 -4.38 20.30
C ALA A 87 -2.10 -5.07 21.52
N ILE A 88 -1.76 -6.33 21.31
CA ILE A 88 -1.13 -7.15 22.36
C ILE A 88 0.23 -6.54 22.72
N GLU A 89 0.98 -6.22 21.68
CA GLU A 89 2.31 -5.62 21.79
C GLU A 89 2.31 -4.31 22.57
N ALA A 90 1.30 -3.49 22.34
CA ALA A 90 1.19 -2.17 22.99
C ALA A 90 1.15 -2.32 24.51
N ASN A 91 0.74 -3.48 24.97
CA ASN A 91 0.63 -3.78 26.41
C ASN A 91 2.05 -3.86 27.00
N THR A 92 2.92 -4.51 26.25
CA THR A 92 4.32 -4.69 26.61
C THR A 92 5.06 -3.36 26.58
N LEU A 93 4.69 -2.51 25.65
CA LEU A 93 5.28 -1.18 25.47
C LEU A 93 5.09 -0.32 26.72
N GLY A 94 3.92 -0.41 27.32
CA GLY A 94 3.58 0.37 28.53
C GLY A 94 4.07 -0.30 29.81
N GLN A 95 4.26 -1.61 29.75
CA GLN A 95 4.70 -2.41 30.91
C GLN A 95 6.19 -2.32 31.18
N VAL A 96 6.99 -2.53 30.15
CA VAL A 96 8.46 -2.49 30.27
C VAL A 96 8.97 -1.33 31.11
N PRO A 97 8.53 -0.12 30.86
CA PRO A 97 8.97 1.06 31.61
C PRO A 97 8.84 0.88 33.11
N LEU A 98 7.73 0.33 33.52
CA LEU A 98 7.39 0.06 34.92
C LEU A 98 8.28 -1.05 35.46
N ILE A 99 8.60 -1.98 34.57
CA ILE A 99 9.44 -3.15 34.87
C ILE A 99 10.89 -2.74 35.12
N ILE A 100 11.38 -1.74 34.40
CA ILE A 100 12.78 -1.32 34.56
C ILE A 100 12.95 -0.03 35.33
N GLY A 101 11.88 0.65 35.70
CA GLY A 101 11.99 1.92 36.39
C GLY A 101 11.01 2.13 37.53
N GLY A 102 10.19 1.14 37.82
CA GLY A 102 9.18 1.24 38.88
C GLY A 102 9.66 0.56 40.15
N ASN A 103 8.90 0.77 41.21
CA ASN A 103 9.22 0.15 42.52
C ASN A 103 8.21 -0.99 42.70
N TYR A 104 8.41 -1.75 43.78
CA TYR A 104 7.55 -2.87 44.10
C TYR A 104 6.08 -2.47 44.17
N GLN A 105 5.82 -1.41 44.93
CA GLN A 105 4.45 -0.91 45.14
C GLN A 105 3.78 -0.64 43.79
N GLN A 106 4.46 0.11 42.95
CA GLN A 106 4.02 0.50 41.61
C GLN A 106 3.72 -0.72 40.73
N GLN A 107 4.70 -1.59 40.64
CA GLN A 107 4.61 -2.82 39.86
C GLN A 107 3.47 -3.70 40.35
N LYS A 108 3.51 -4.00 41.63
CA LYS A 108 2.50 -4.84 42.27
C LYS A 108 1.11 -4.26 41.99
N LYS A 109 1.05 -2.94 41.99
CA LYS A 109 -0.20 -2.24 41.74
C LYS A 109 -0.65 -2.31 40.29
N TYR A 110 0.13 -1.77 39.39
CA TYR A 110 -0.18 -1.67 37.96
C TYR A 110 0.10 -2.87 37.10
N LEU A 111 1.08 -3.67 37.43
CA LEU A 111 1.41 -4.88 36.65
C LEU A 111 0.50 -6.03 37.11
N GLY A 112 0.27 -6.07 38.40
CA GLY A 112 -0.54 -7.05 39.09
C GLY A 112 -1.94 -7.19 38.52
N ARG A 113 -2.58 -6.05 38.34
CA ARG A 113 -3.94 -5.95 37.81
C ARG A 113 -4.05 -6.52 36.40
N MET A 114 -2.96 -6.41 35.66
CA MET A 114 -2.88 -6.87 34.26
C MET A 114 -2.99 -8.40 34.21
N THR A 115 -2.52 -8.97 35.29
CA THR A 115 -2.42 -10.41 35.55
C THR A 115 -3.70 -11.01 36.06
N GLU A 116 -4.61 -10.15 36.47
CA GLU A 116 -5.90 -10.56 37.03
C GLU A 116 -7.05 -10.51 36.04
N GLU A 117 -7.17 -9.39 35.32
CA GLU A 117 -8.16 -9.18 34.24
C GLU A 117 -7.45 -8.87 32.92
N PRO A 118 -8.16 -9.17 31.85
CA PRO A 118 -7.67 -8.89 30.49
C PRO A 118 -7.69 -7.41 30.15
N LEU A 119 -7.12 -6.62 31.02
CA LEU A 119 -7.00 -5.16 30.90
C LEU A 119 -5.93 -4.80 29.87
N MET A 120 -5.97 -3.57 29.41
CA MET A 120 -5.00 -3.06 28.43
C MET A 120 -4.36 -1.79 28.99
N CYS A 121 -3.18 -1.50 28.47
CA CYS A 121 -2.40 -0.29 28.85
C CYS A 121 -1.81 0.30 27.57
N ALA A 122 -1.13 1.43 27.68
CA ALA A 122 -0.55 2.11 26.52
C ALA A 122 0.70 2.91 26.86
N TYR A 123 1.36 3.47 25.90
CA TYR A 123 2.68 4.11 25.89
C TYR A 123 2.58 5.46 25.15
N CYS A 124 2.53 6.57 25.97
CA CYS A 124 2.34 7.92 25.50
C CYS A 124 3.60 8.79 25.52
N VAL A 125 4.25 8.87 24.38
CA VAL A 125 5.44 9.69 24.22
C VAL A 125 5.17 10.75 23.13
N THR A 126 4.77 10.23 22.00
CA THR A 126 4.45 10.97 20.79
C THR A 126 3.37 12.04 20.97
N GLU A 127 3.67 13.17 20.38
CA GLU A 127 2.83 14.37 20.37
C GLU A 127 2.69 14.83 18.93
N PRO A 128 1.73 15.70 18.67
CA PRO A 128 1.49 16.19 17.31
C PRO A 128 2.73 16.82 16.69
N GLY A 129 3.50 17.52 17.51
CA GLY A 129 4.70 18.23 17.13
C GLY A 129 6.00 17.47 17.22
N ALA A 130 5.96 16.28 17.80
CA ALA A 130 7.18 15.49 17.95
C ALA A 130 6.89 14.02 18.16
N GLY A 131 7.52 13.23 17.31
CA GLY A 131 7.42 11.76 17.33
C GLY A 131 8.86 11.22 17.41
N SER A 132 9.56 11.44 16.30
CA SER A 132 10.95 11.02 16.13
C SER A 132 11.87 11.71 17.13
N ASP A 133 11.58 12.97 17.36
CA ASP A 133 12.37 13.82 18.28
C ASP A 133 11.77 13.82 19.68
N VAL A 134 12.09 12.75 20.42
CA VAL A 134 11.59 12.55 21.78
C VAL A 134 11.91 13.74 22.67
N ALA A 135 13.13 14.24 22.58
CA ALA A 135 13.61 15.37 23.37
C ALA A 135 12.86 16.66 23.02
N GLY A 136 12.04 16.59 22.00
CA GLY A 136 11.26 17.70 21.49
C GLY A 136 9.84 17.77 22.01
N ILE A 137 9.44 16.82 22.83
CA ILE A 137 8.07 16.80 23.39
C ILE A 137 7.92 17.99 24.35
N LYS A 138 6.66 18.42 24.49
CA LYS A 138 6.37 19.58 25.35
C LYS A 138 5.29 19.32 26.39
N THR A 139 4.84 18.09 26.53
CA THR A 139 3.84 17.80 27.59
C THR A 139 4.55 18.19 28.89
N LYS A 140 4.01 19.17 29.57
CA LYS A 140 4.57 19.70 30.81
C LYS A 140 4.08 18.99 32.06
N ALA A 141 5.03 18.83 32.95
CA ALA A 141 4.84 18.20 34.27
C ALA A 141 5.35 19.20 35.31
N GLU A 142 4.41 19.80 36.00
CA GLU A 142 4.68 20.80 37.02
C GLU A 142 4.37 20.30 38.42
N LYS A 143 5.40 20.36 39.24
CA LYS A 143 5.34 19.97 40.65
C LYS A 143 4.53 21.01 41.42
N LYS A 144 3.60 20.51 42.19
CA LYS A 144 2.70 21.30 43.05
C LYS A 144 2.40 20.49 44.30
N GLY A 145 3.30 20.61 45.26
CA GLY A 145 3.18 19.89 46.54
C GLY A 145 3.59 18.43 46.33
N ASP A 146 2.65 17.55 46.63
CA ASP A 146 2.91 16.10 46.51
C ASP A 146 2.24 15.53 45.26
N GLU A 147 1.93 16.42 44.35
CA GLU A 147 1.32 16.11 43.07
C GLU A 147 2.06 16.82 41.93
N TYR A 148 1.80 16.33 40.73
CA TYR A 148 2.33 16.88 39.48
C TYR A 148 1.13 17.14 38.56
N ILE A 149 1.06 18.33 38.03
CA ILE A 149 -0.03 18.73 37.13
C ILE A 149 0.47 18.55 35.69
N ILE A 150 -0.20 17.69 34.96
CA ILE A 150 0.14 17.38 33.58
C ILE A 150 -0.77 18.10 32.59
N ASN A 151 -0.13 18.85 31.72
CA ASN A 151 -0.81 19.61 30.66
C ASN A 151 -0.04 19.36 29.34
N GLY A 152 -0.72 18.72 28.42
CA GLY A 152 -0.14 18.41 27.10
C GLY A 152 -1.12 17.59 26.25
N GLN A 153 -0.65 17.28 25.07
CA GLN A 153 -1.43 16.48 24.10
C GLN A 153 -0.54 15.42 23.47
N LYS A 154 -1.08 14.21 23.43
CA LYS A 154 -0.38 13.04 22.85
C LYS A 154 -1.10 12.60 21.57
N MET A 155 -0.34 11.99 20.68
CA MET A 155 -0.90 11.54 19.39
C MET A 155 -0.37 10.17 19.00
N TRP A 156 -1.22 9.47 18.27
CA TRP A 156 -1.02 8.12 17.74
C TRP A 156 -0.82 7.12 18.87
N ILE A 157 -1.66 7.18 19.88
CA ILE A 157 -1.55 6.27 21.03
C ILE A 157 -2.39 5.02 20.87
N THR A 158 -1.67 3.93 20.69
CA THR A 158 -2.14 2.56 20.54
C THR A 158 -2.78 2.12 21.86
N ASN A 159 -4.01 1.66 21.77
CA ASN A 159 -4.80 1.23 22.93
C ASN A 159 -5.26 2.49 23.70
N GLY A 160 -5.08 3.62 23.06
CA GLY A 160 -5.39 4.94 23.59
C GLY A 160 -6.76 5.10 24.23
N GLY A 161 -7.76 4.47 23.66
CA GLY A 161 -9.14 4.56 24.14
C GLY A 161 -9.60 3.31 24.88
N LYS A 162 -8.75 2.32 24.95
CA LYS A 162 -9.04 1.03 25.61
C LYS A 162 -8.15 0.75 26.79
N ALA A 163 -7.22 1.63 27.09
CA ALA A 163 -6.24 1.49 28.17
C ALA A 163 -6.78 1.82 29.55
N ASN A 164 -6.25 1.08 30.51
CA ASN A 164 -6.59 1.22 31.93
C ASN A 164 -5.63 2.24 32.56
N TRP A 165 -4.41 2.22 32.06
CA TRP A 165 -3.35 3.13 32.51
C TRP A 165 -2.37 3.35 31.35
N TYR A 166 -1.71 4.49 31.42
CA TYR A 166 -0.72 4.93 30.47
C TYR A 166 0.66 5.14 31.11
N PHE A 167 1.73 4.62 30.37
CA PHE A 167 3.02 5.26 30.64
C PHE A 167 3.06 6.59 29.89
N LEU A 168 3.39 7.61 30.64
CA LEU A 168 3.40 9.00 30.14
C LEU A 168 4.78 9.65 30.42
N LEU A 169 5.43 10.16 29.30
CA LEU A 169 6.68 10.91 29.37
C LEU A 169 6.33 12.40 29.19
N ALA A 170 6.78 13.16 30.17
CA ALA A 170 6.55 14.61 30.20
C ALA A 170 7.83 15.34 30.56
N ARG A 171 7.89 16.56 30.07
CA ARG A 171 9.03 17.46 30.33
C ARG A 171 8.77 18.08 31.71
N SER A 172 9.70 17.87 32.62
CA SER A 172 9.57 18.38 34.00
C SER A 172 10.53 19.51 34.29
N ASP A 173 11.45 19.77 33.37
CA ASP A 173 12.42 20.87 33.55
C ASP A 173 12.09 21.95 32.50
N PRO A 174 11.54 23.04 32.99
CA PRO A 174 11.13 24.18 32.16
C PRO A 174 12.30 24.85 31.47
N ASP A 175 13.49 24.63 31.99
CA ASP A 175 14.72 25.21 31.39
C ASP A 175 14.87 24.57 30.00
N PRO A 176 14.79 25.42 29.00
CA PRO A 176 14.90 25.01 27.60
C PRO A 176 16.27 24.49 27.22
N LYS A 177 17.26 24.85 28.02
CA LYS A 177 18.65 24.47 27.82
C LYS A 177 19.09 23.33 28.71
N ALA A 178 18.12 22.66 29.31
CA ALA A 178 18.38 21.49 30.18
C ALA A 178 18.61 20.29 29.25
N PRO A 179 19.53 19.44 29.64
CA PRO A 179 19.87 18.24 28.87
C PRO A 179 18.72 17.25 28.90
N ALA A 180 18.58 16.49 27.83
CA ALA A 180 17.53 15.49 27.68
C ALA A 180 17.60 14.46 28.81
N SER A 181 18.81 14.22 29.28
CA SER A 181 19.09 13.26 30.34
C SER A 181 18.52 13.69 31.68
N LYS A 182 18.03 14.92 31.78
CA LYS A 182 17.50 15.39 33.08
C LYS A 182 16.19 16.13 32.98
N ALA A 183 15.77 16.48 31.79
CA ALA A 183 14.55 17.24 31.55
C ALA A 183 13.23 16.51 31.60
N PHE A 184 13.21 15.20 31.57
CA PHE A 184 11.95 14.44 31.52
C PHE A 184 11.69 13.49 32.67
N THR A 185 10.41 13.24 32.87
CA THR A 185 9.89 12.35 33.92
C THR A 185 8.85 11.40 33.37
N GLY A 186 8.90 10.16 33.83
CA GLY A 186 7.97 9.09 33.44
C GLY A 186 6.94 8.92 34.55
N PHE A 187 5.68 8.89 34.18
CA PHE A 187 4.56 8.76 35.09
C PHE A 187 3.61 7.61 34.68
N ILE A 188 2.96 7.11 35.71
CA ILE A 188 1.84 6.19 35.52
C ILE A 188 0.51 6.94 35.76
N VAL A 189 -0.27 7.00 34.70
CA VAL A 189 -1.53 7.75 34.71
C VAL A 189 -2.71 6.81 34.45
N GLU A 190 -3.60 6.80 35.44
CA GLU A 190 -4.84 5.97 35.31
C GLU A 190 -5.69 6.76 34.30
N ALA A 191 -6.23 6.06 33.33
CA ALA A 191 -7.02 6.64 32.25
C ALA A 191 -8.27 7.37 32.70
N ASP A 192 -8.80 7.04 33.84
CA ASP A 192 -10.04 7.65 34.36
C ASP A 192 -9.78 8.85 35.26
N THR A 193 -8.68 9.55 35.04
CA THR A 193 -8.33 10.73 35.81
C THR A 193 -8.85 11.99 35.11
N PRO A 194 -9.59 12.77 35.86
CA PRO A 194 -10.17 14.02 35.30
C PRO A 194 -9.05 14.80 34.63
N GLY A 195 -9.35 15.29 33.44
CA GLY A 195 -8.38 16.06 32.64
C GLY A 195 -7.97 15.25 31.41
N VAL A 196 -8.21 13.95 31.53
CA VAL A 196 -7.90 12.99 30.46
C VAL A 196 -9.07 12.98 29.48
N GLN A 197 -8.79 13.60 28.34
CA GLN A 197 -9.78 13.74 27.25
C GLN A 197 -9.33 12.89 26.07
N ILE A 198 -9.93 11.71 25.98
CA ILE A 198 -9.65 10.74 24.92
C ILE A 198 -10.36 11.16 23.63
N GLY A 199 -9.59 11.15 22.56
CA GLY A 199 -10.08 11.54 21.24
C GLY A 199 -10.67 10.35 20.49
N ARG A 200 -11.17 10.68 19.32
CA ARG A 200 -11.78 9.79 18.35
C ARG A 200 -10.79 8.70 17.93
N LYS A 201 -11.32 7.64 17.40
CA LYS A 201 -10.53 6.52 16.85
C LYS A 201 -10.05 7.05 15.49
N GLU A 202 -8.77 6.94 15.24
CA GLU A 202 -8.17 7.42 13.99
C GLU A 202 -8.28 6.30 12.95
N ILE A 203 -8.53 6.70 11.72
CA ILE A 203 -8.68 5.79 10.58
C ILE A 203 -7.38 5.82 9.76
N ASN A 204 -6.66 4.72 9.79
CA ASN A 204 -5.37 4.62 9.08
C ASN A 204 -5.51 3.60 7.96
N MET A 205 -4.53 3.59 7.08
CA MET A 205 -4.43 2.71 5.93
C MET A 205 -4.40 1.23 6.33
N GLY A 206 -3.59 0.90 7.32
CA GLY A 206 -3.40 -0.46 7.79
C GLY A 206 -3.62 -0.67 9.28
N GLN A 207 -3.60 -1.95 9.64
CA GLN A 207 -3.80 -2.44 11.01
C GLN A 207 -5.01 -1.70 11.60
N ARG A 208 -6.06 -1.66 10.82
CA ARG A 208 -7.30 -0.96 11.13
C ARG A 208 -8.12 -1.48 12.29
N CYS A 209 -7.80 -2.62 12.85
CA CYS A 209 -8.60 -3.13 13.99
C CYS A 209 -7.97 -2.64 15.30
N SER A 210 -6.80 -2.07 15.14
CA SER A 210 -6.01 -1.50 16.24
C SER A 210 -6.62 -0.17 16.65
N ASP A 211 -6.58 0.10 17.95
CA ASP A 211 -7.13 1.37 18.47
C ASP A 211 -5.99 2.40 18.55
N THR A 212 -6.04 3.39 17.68
CA THR A 212 -5.05 4.47 17.63
C THR A 212 -5.77 5.80 17.90
N ARG A 213 -5.36 6.50 18.95
CA ARG A 213 -6.03 7.76 19.31
C ARG A 213 -5.13 8.89 19.77
N GLY A 214 -5.76 10.04 19.82
CA GLY A 214 -5.15 11.31 20.28
C GLY A 214 -5.78 11.54 21.67
N ILE A 215 -4.95 11.96 22.60
CA ILE A 215 -5.39 12.21 23.98
C ILE A 215 -4.85 13.57 24.45
N VAL A 216 -5.74 14.34 25.03
CA VAL A 216 -5.41 15.66 25.58
C VAL A 216 -5.37 15.54 27.12
N PHE A 217 -4.44 16.26 27.69
CA PHE A 217 -4.25 16.27 29.15
C PHE A 217 -4.42 17.71 29.66
N GLU A 218 -5.51 17.94 30.36
CA GLU A 218 -5.84 19.25 30.91
C GLU A 218 -5.84 19.19 32.44
N ASP A 219 -4.86 19.85 33.01
CA ASP A 219 -4.68 19.92 34.47
C ASP A 219 -4.85 18.54 35.10
N VAL A 220 -4.19 17.57 34.51
CA VAL A 220 -4.25 16.19 35.03
C VAL A 220 -3.33 16.13 36.25
N ARG A 221 -3.93 15.80 37.39
CA ARG A 221 -3.20 15.71 38.66
C ARG A 221 -2.72 14.26 38.84
N VAL A 222 -1.43 14.13 39.09
CA VAL A 222 -0.81 12.80 39.30
C VAL A 222 -0.04 12.79 40.62
N PRO A 223 -0.37 11.80 41.43
CA PRO A 223 0.29 11.62 42.74
C PRO A 223 1.78 11.40 42.53
N LYS A 224 2.56 11.95 43.43
CA LYS A 224 4.03 11.86 43.37
C LYS A 224 4.48 10.40 43.34
N GLU A 225 3.68 9.57 43.98
CA GLU A 225 3.95 8.13 44.08
C GLU A 225 3.88 7.46 42.71
N ASN A 226 3.34 8.18 41.74
CA ASN A 226 3.20 7.65 40.38
C ASN A 226 4.43 7.93 39.52
N VAL A 227 5.39 8.73 40.02
CA VAL A 227 6.68 8.93 39.35
C VAL A 227 7.44 7.61 39.37
N LEU A 228 7.87 7.21 38.21
CA LEU A 228 8.55 5.92 38.02
C LEU A 228 9.88 5.84 38.83
N THR A 229 10.96 6.52 38.42
CA THR A 229 12.19 6.37 39.21
C THR A 229 12.44 7.64 40.00
N GLY A 230 12.12 8.72 39.36
CA GLY A 230 12.28 10.05 39.94
C GLY A 230 12.27 11.09 38.83
N GLU A 231 12.17 12.31 39.26
CA GLU A 231 12.20 13.47 38.38
C GLU A 231 13.53 13.50 37.60
N GLY A 232 13.40 13.68 36.31
CA GLY A 232 14.53 13.74 35.39
C GLY A 232 14.97 12.42 34.82
N ALA A 233 14.55 11.31 35.38
CA ALA A 233 14.95 9.97 34.92
C ALA A 233 14.07 9.38 33.83
N GLY A 234 13.21 10.16 33.22
CA GLY A 234 12.30 9.74 32.17
C GLY A 234 12.95 9.34 30.87
N PHE A 235 13.99 10.06 30.47
CA PHE A 235 14.71 9.83 29.22
C PHE A 235 15.47 8.50 29.27
N LYS A 236 16.02 8.20 30.43
CA LYS A 236 16.78 6.96 30.65
C LYS A 236 15.85 5.76 30.53
N ILE A 237 14.68 5.93 31.10
CA ILE A 237 13.66 4.87 31.11
C ILE A 237 13.18 4.57 29.69
N ALA A 238 12.93 5.63 28.96
CA ALA A 238 12.45 5.57 27.57
C ALA A 238 13.42 4.80 26.70
N MET A 239 14.69 5.20 26.76
CA MET A 239 15.76 4.59 25.98
C MET A 239 15.99 3.13 26.33
N GLY A 240 16.06 2.84 27.61
CA GLY A 240 16.29 1.51 28.15
C GLY A 240 15.21 0.55 27.68
N THR A 241 14.02 1.11 27.51
CA THR A 241 12.83 0.39 27.08
C THR A 241 13.02 -0.26 25.72
N PHE A 242 13.52 0.52 24.78
CA PHE A 242 13.74 0.11 23.39
C PHE A 242 14.59 -1.15 23.26
N ASP A 243 15.63 -1.24 24.05
CA ASP A 243 16.54 -2.40 24.01
C ASP A 243 15.72 -3.70 24.08
N LYS A 244 14.73 -3.66 24.95
CA LYS A 244 13.85 -4.80 25.19
C LYS A 244 12.70 -4.93 24.22
N THR A 245 12.13 -3.82 23.79
CA THR A 245 10.97 -3.80 22.89
C THR A 245 11.27 -3.86 21.41
N ARG A 246 12.40 -3.35 20.95
CA ARG A 246 12.71 -3.29 19.51
C ARG A 246 12.76 -4.69 18.91
N PRO A 247 13.50 -5.66 19.49
CA PRO A 247 13.55 -7.00 18.93
C PRO A 247 12.18 -7.59 18.71
N PRO A 248 11.24 -7.56 19.60
CA PRO A 248 9.87 -8.05 19.40
C PRO A 248 9.11 -7.34 18.30
N VAL A 249 9.37 -6.06 18.07
CA VAL A 249 8.64 -5.35 17.00
C VAL A 249 9.19 -5.84 15.65
N ALA A 250 10.45 -6.22 15.66
CA ALA A 250 11.12 -6.71 14.45
C ALA A 250 10.51 -8.07 14.07
N ALA A 251 10.32 -8.88 15.09
CA ALA A 251 9.74 -10.22 14.99
C ALA A 251 8.36 -10.21 14.34
N GLY A 252 7.59 -9.21 14.71
CA GLY A 252 6.23 -9.00 14.22
C GLY A 252 6.23 -8.71 12.73
N ALA A 253 7.26 -8.03 12.29
CA ALA A 253 7.46 -7.66 10.88
C ALA A 253 7.82 -8.91 10.07
N VAL A 254 8.52 -9.81 10.73
CA VAL A 254 8.97 -11.08 10.14
C VAL A 254 7.76 -12.00 9.94
N GLY A 255 6.87 -11.99 10.92
CA GLY A 255 5.65 -12.81 10.88
C GLY A 255 4.79 -12.37 9.68
N LEU A 256 4.78 -11.07 9.46
CA LEU A 256 4.03 -10.47 8.34
C LEU A 256 4.67 -10.94 7.03
N ALA A 257 5.97 -10.77 6.95
CA ALA A 257 6.79 -11.14 5.81
C ALA A 257 6.62 -12.62 5.48
N GLN A 258 6.60 -13.43 6.51
CA GLN A 258 6.46 -14.89 6.42
C GLN A 258 5.07 -15.24 5.90
N ARG A 259 4.09 -14.49 6.36
CA ARG A 259 2.68 -14.68 5.91
C ARG A 259 2.62 -14.44 4.41
N ALA A 260 3.19 -13.33 3.99
CA ALA A 260 3.24 -12.90 2.59
C ALA A 260 3.82 -13.99 1.69
N LEU A 261 4.95 -14.52 2.15
CA LEU A 261 5.69 -15.56 1.44
C LEU A 261 4.86 -16.83 1.27
N ASP A 262 4.29 -17.29 2.36
CA ASP A 262 3.46 -18.50 2.40
C ASP A 262 2.34 -18.42 1.35
N GLU A 263 1.67 -17.29 1.36
CA GLU A 263 0.53 -17.01 0.49
C GLU A 263 0.89 -16.93 -0.99
N ALA A 264 2.04 -16.35 -1.26
CA ALA A 264 2.58 -16.17 -2.60
C ALA A 264 3.05 -17.51 -3.17
N THR A 265 3.58 -18.33 -2.28
CA THR A 265 4.08 -19.67 -2.65
C THR A 265 2.91 -20.57 -2.99
N LYS A 266 1.91 -20.55 -2.13
CA LYS A 266 0.68 -21.33 -2.33
C LYS A 266 0.12 -21.06 -3.73
N TYR A 267 -0.07 -19.78 -4.00
CA TYR A 267 -0.63 -19.28 -5.25
C TYR A 267 0.23 -19.57 -6.47
N ALA A 268 1.54 -19.45 -6.33
CA ALA A 268 2.50 -19.70 -7.39
C ALA A 268 2.60 -21.18 -7.77
N LEU A 269 2.11 -22.00 -6.95
CA LEU A 269 2.10 -23.47 -7.03
C LEU A 269 0.70 -23.96 -7.42
N GLU A 270 -0.17 -23.02 -7.85
CA GLU A 270 -1.57 -23.30 -8.20
C GLU A 270 -1.92 -22.75 -9.59
N ARG A 271 -1.78 -21.46 -9.71
CA ARG A 271 -2.05 -20.67 -10.91
C ARG A 271 -1.09 -21.06 -12.04
N LYS A 272 -1.64 -21.08 -13.24
CA LYS A 272 -0.93 -21.40 -14.48
C LYS A 272 -1.12 -20.28 -15.52
N THR A 273 -0.03 -20.03 -16.21
CA THR A 273 0.04 -19.04 -17.29
C THR A 273 1.05 -19.61 -18.31
N PHE A 274 0.70 -19.46 -19.57
CA PHE A 274 1.56 -19.92 -20.67
C PHE A 274 1.90 -21.40 -20.52
N GLY A 275 0.94 -22.18 -20.03
CA GLY A 275 1.05 -23.60 -19.86
C GLY A 275 1.88 -24.12 -18.72
N LYS A 276 2.44 -23.23 -17.91
CA LYS A 276 3.26 -23.64 -16.76
C LYS A 276 2.74 -22.99 -15.49
N LEU A 277 3.01 -23.63 -14.40
CA LEU A 277 2.78 -23.10 -13.04
C LEU A 277 3.57 -21.80 -12.87
N LEU A 278 3.08 -20.85 -12.13
CA LEU A 278 3.75 -19.56 -11.89
C LEU A 278 5.17 -19.82 -11.38
N ALA A 279 5.29 -20.80 -10.50
CA ALA A 279 6.56 -21.15 -9.88
C ALA A 279 7.54 -21.76 -10.88
N GLU A 280 7.04 -22.03 -12.06
CA GLU A 280 7.89 -22.65 -13.11
C GLU A 280 8.50 -21.63 -14.03
N HIS A 281 8.04 -20.39 -13.89
CA HIS A 281 8.59 -19.27 -14.68
C HIS A 281 9.83 -18.84 -13.89
N GLN A 282 11.00 -18.96 -14.50
CA GLN A 282 12.25 -18.64 -13.79
C GLN A 282 12.15 -17.25 -13.15
N GLY A 283 11.52 -16.35 -13.86
CA GLY A 283 11.30 -14.98 -13.40
C GLY A 283 10.66 -14.97 -12.02
N ILE A 284 9.65 -15.82 -11.85
CA ILE A 284 8.91 -15.93 -10.59
C ILE A 284 9.68 -16.72 -9.54
N SER A 285 10.26 -17.84 -9.91
CA SER A 285 11.02 -18.67 -8.96
C SER A 285 12.16 -17.86 -8.31
N PHE A 286 12.71 -16.94 -9.05
CA PHE A 286 13.81 -16.06 -8.59
C PHE A 286 13.28 -15.04 -7.56
N LEU A 287 12.06 -14.57 -7.81
CA LEU A 287 11.36 -13.60 -6.96
C LEU A 287 11.12 -14.23 -5.59
N LEU A 288 10.58 -15.43 -5.61
CA LEU A 288 10.25 -16.23 -4.43
C LEU A 288 11.49 -16.54 -3.61
N ALA A 289 12.58 -16.84 -4.30
CA ALA A 289 13.86 -17.16 -3.67
C ALA A 289 14.41 -15.95 -2.92
N ASP A 290 14.33 -14.80 -3.56
CA ASP A 290 14.85 -13.54 -2.97
C ASP A 290 13.97 -13.22 -1.75
N MET A 291 12.70 -13.52 -1.90
CA MET A 291 11.70 -13.33 -0.84
C MET A 291 12.08 -14.17 0.37
N ALA A 292 12.40 -15.44 0.13
CA ALA A 292 12.78 -16.39 1.17
C ALA A 292 14.11 -16.01 1.84
N MET A 293 15.02 -15.52 1.06
CA MET A 293 16.35 -15.06 1.51
C MET A 293 16.17 -14.03 2.64
N LYS A 294 15.38 -13.02 2.33
CA LYS A 294 15.09 -11.90 3.23
C LYS A 294 14.39 -12.29 4.52
N VAL A 295 13.46 -13.20 4.46
CA VAL A 295 12.73 -13.63 5.68
C VAL A 295 13.71 -14.24 6.68
N GLU A 296 14.52 -15.15 6.20
CA GLU A 296 15.53 -15.84 6.99
C GLU A 296 16.55 -14.90 7.59
N LEU A 297 16.97 -13.91 6.84
CA LEU A 297 17.96 -12.92 7.32
C LEU A 297 17.36 -12.10 8.46
N ALA A 298 16.14 -11.64 8.25
CA ALA A 298 15.41 -10.81 9.22
C ALA A 298 15.15 -11.55 10.52
N ARG A 299 14.84 -12.82 10.41
CA ARG A 299 14.56 -13.69 11.56
C ARG A 299 15.83 -13.82 12.41
N LEU A 300 16.95 -14.03 11.73
CA LEU A 300 18.27 -14.14 12.36
C LEU A 300 18.62 -12.89 13.17
N SER A 301 18.41 -11.73 12.57
CA SER A 301 18.72 -10.43 13.15
C SER A 301 18.00 -10.13 14.46
N TYR A 302 16.72 -10.50 14.56
CA TYR A 302 15.98 -10.22 15.82
C TYR A 302 16.45 -11.20 16.90
N GLN A 303 16.78 -12.40 16.45
CA GLN A 303 17.25 -13.48 17.34
C GLN A 303 18.54 -13.04 18.02
N ARG A 304 19.42 -12.47 17.23
CA ARG A 304 20.72 -11.98 17.66
C ARG A 304 20.58 -10.85 18.68
N ALA A 305 19.70 -9.93 18.39
CA ALA A 305 19.41 -8.76 19.22
C ALA A 305 18.75 -9.13 20.53
N ALA A 306 17.90 -10.13 20.47
CA ALA A 306 17.17 -10.68 21.61
C ALA A 306 18.09 -11.44 22.56
N TRP A 307 18.92 -12.30 22.00
CA TRP A 307 19.86 -13.11 22.80
C TRP A 307 20.77 -12.20 23.64
N GLU A 308 21.17 -11.12 23.01
CA GLU A 308 22.05 -10.09 23.55
C GLU A 308 21.52 -9.44 24.82
N ILE A 309 20.28 -8.95 24.75
CA ILE A 309 19.66 -8.29 25.90
C ILE A 309 19.36 -9.33 26.97
N ASP A 310 18.93 -10.51 26.54
CA ASP A 310 18.65 -11.62 27.47
C ASP A 310 19.95 -11.99 28.21
N SER A 311 21.06 -11.71 27.56
CA SER A 311 22.40 -11.98 28.10
C SER A 311 22.85 -10.85 29.03
N GLY A 312 21.99 -9.85 29.16
CA GLY A 312 22.14 -8.69 30.00
C GLY A 312 23.06 -7.59 29.51
N ARG A 313 23.12 -7.40 28.21
CA ARG A 313 23.98 -6.39 27.58
C ARG A 313 23.16 -5.48 26.67
N ARG A 314 23.60 -4.23 26.61
CA ARG A 314 22.91 -3.23 25.75
C ARG A 314 23.01 -3.82 24.33
N ASN A 315 21.87 -3.92 23.69
CA ASN A 315 21.75 -4.52 22.35
C ASN A 315 21.32 -3.51 21.29
N THR A 316 21.44 -2.25 21.63
CA THR A 316 21.03 -1.13 20.78
C THR A 316 21.40 -1.30 19.31
N TYR A 317 22.66 -1.56 19.07
CA TYR A 317 23.22 -1.76 17.73
C TYR A 317 22.51 -2.87 16.97
N TYR A 318 22.43 -4.05 17.56
CA TYR A 318 21.78 -5.21 16.92
C TYR A 318 20.27 -5.05 16.79
N ALA A 319 19.67 -4.50 17.81
CA ALA A 319 18.21 -4.28 17.87
C ALA A 319 17.76 -3.35 16.75
N SER A 320 18.51 -2.29 16.58
CA SER A 320 18.28 -1.25 15.57
C SER A 320 18.43 -1.79 14.15
N ILE A 321 19.32 -2.75 13.98
CA ILE A 321 19.56 -3.39 12.68
C ILE A 321 18.40 -4.31 12.30
N ALA A 322 17.87 -4.99 13.29
CA ALA A 322 16.76 -5.95 13.11
C ALA A 322 15.49 -5.20 12.74
N LYS A 323 15.14 -4.22 13.56
CA LYS A 323 13.94 -3.40 13.32
C LYS A 323 13.99 -2.82 11.91
N ALA A 324 15.13 -2.22 11.59
CA ALA A 324 15.36 -1.58 10.30
C ALA A 324 15.26 -2.57 9.14
N TYR A 325 15.98 -3.67 9.24
CA TYR A 325 15.98 -4.68 8.18
C TYR A 325 14.62 -5.35 8.04
N ALA A 326 14.07 -5.79 9.16
CA ALA A 326 12.76 -6.48 9.16
C ALA A 326 11.69 -5.61 8.53
N ALA A 327 11.68 -4.34 8.90
CA ALA A 327 10.71 -3.36 8.42
C ALA A 327 10.73 -3.15 6.91
N ASP A 328 11.92 -3.10 6.35
CA ASP A 328 12.11 -2.89 4.90
C ASP A 328 11.69 -4.12 4.09
N ILE A 329 12.08 -5.32 4.60
CA ILE A 329 11.77 -6.48 3.76
C ILE A 329 10.33 -6.93 4.00
N ALA A 330 9.69 -6.46 5.09
CA ALA A 330 8.24 -6.76 5.30
C ALA A 330 7.46 -6.03 4.20
N ASN A 331 7.96 -4.85 3.87
CA ASN A 331 7.36 -3.99 2.84
C ASN A 331 7.58 -4.51 1.43
N GLN A 332 8.75 -5.06 1.18
CA GLN A 332 9.15 -5.61 -0.11
C GLN A 332 8.41 -6.91 -0.41
N LEU A 333 8.27 -7.75 0.59
CA LEU A 333 7.57 -9.04 0.45
C LEU A 333 6.07 -8.82 0.25
N ALA A 334 5.54 -7.86 0.96
CA ALA A 334 4.10 -7.54 0.87
C ALA A 334 3.73 -7.17 -0.56
N THR A 335 4.52 -6.28 -1.15
CA THR A 335 4.24 -5.81 -2.52
C THR A 335 4.56 -6.86 -3.55
N ASP A 336 5.52 -7.71 -3.27
CA ASP A 336 5.90 -8.80 -4.18
C ASP A 336 4.84 -9.91 -4.10
N ALA A 337 4.17 -9.99 -2.96
CA ALA A 337 3.12 -11.00 -2.75
C ALA A 337 1.90 -10.64 -3.59
N VAL A 338 1.55 -9.38 -3.58
CA VAL A 338 0.41 -8.85 -4.34
C VAL A 338 0.70 -9.07 -5.84
N GLN A 339 1.96 -8.96 -6.18
CA GLN A 339 2.44 -9.10 -7.56
C GLN A 339 2.24 -10.50 -8.12
N VAL A 340 2.59 -11.53 -7.35
CA VAL A 340 2.44 -12.91 -7.88
C VAL A 340 0.94 -13.24 -8.00
N PHE A 341 0.12 -12.62 -7.20
CA PHE A 341 -1.33 -12.84 -7.20
C PHE A 341 -1.99 -12.16 -8.41
N GLY A 342 -1.22 -11.31 -9.06
CA GLY A 342 -1.71 -10.56 -10.23
C GLY A 342 -2.92 -9.72 -9.83
N GLY A 343 -3.88 -9.68 -10.73
CA GLY A 343 -5.13 -8.96 -10.62
C GLY A 343 -5.85 -9.22 -9.31
N ASN A 344 -5.81 -10.47 -8.89
CA ASN A 344 -6.46 -10.92 -7.64
C ASN A 344 -5.78 -10.30 -6.42
N GLY A 345 -4.51 -10.00 -6.57
CA GLY A 345 -3.67 -9.42 -5.52
C GLY A 345 -4.13 -8.04 -5.10
N PHE A 346 -4.63 -7.30 -6.06
CA PHE A 346 -5.13 -5.92 -5.86
C PHE A 346 -6.54 -5.94 -5.30
N ASN A 347 -7.12 -7.13 -5.26
CA ASN A 347 -8.50 -7.30 -4.78
C ASN A 347 -8.57 -7.73 -3.32
N THR A 348 -9.50 -7.15 -2.69
CA THR A 348 -9.91 -7.16 -1.28
C THR A 348 -10.38 -8.54 -0.87
N GLU A 349 -10.61 -9.46 -1.83
CA GLU A 349 -11.09 -10.82 -1.55
C GLU A 349 -9.93 -11.79 -1.32
N TYR A 350 -8.75 -11.29 -1.51
CA TYR A 350 -7.50 -12.06 -1.30
C TYR A 350 -6.81 -11.44 -0.11
N PRO A 351 -6.02 -12.23 0.62
CA PRO A 351 -5.35 -11.79 1.84
C PRO A 351 -4.11 -10.94 1.73
N VAL A 352 -3.55 -10.70 0.58
CA VAL A 352 -2.29 -9.95 0.43
C VAL A 352 -2.37 -8.44 0.43
N GLU A 353 -3.46 -7.81 -0.22
CA GLU A 353 -3.38 -6.33 -0.24
C GLU A 353 -3.40 -5.77 1.17
N LYS A 354 -4.04 -6.48 2.08
CA LYS A 354 -4.10 -6.06 3.49
C LYS A 354 -2.67 -6.05 4.04
N LEU A 355 -1.97 -7.10 3.69
CA LEU A 355 -0.56 -7.27 4.14
C LEU A 355 0.24 -6.04 3.71
N MET A 356 -0.03 -5.57 2.51
CA MET A 356 0.65 -4.40 1.94
C MET A 356 0.29 -3.12 2.70
N ARG A 357 -0.92 -3.08 3.22
CA ARG A 357 -1.40 -1.90 3.97
C ARG A 357 -0.80 -1.86 5.37
N ASP A 358 -0.78 -3.01 6.01
CA ASP A 358 -0.27 -3.20 7.36
C ASP A 358 1.23 -2.89 7.47
N ALA A 359 2.01 -3.58 6.65
CA ALA A 359 3.46 -3.50 6.65
C ALA A 359 4.06 -2.11 6.70
N LYS A 360 3.41 -1.13 6.12
CA LYS A 360 3.90 0.25 6.06
C LYS A 360 4.23 0.89 7.40
N ILE A 361 3.52 0.68 8.49
CA ILE A 361 3.85 1.32 9.75
C ILE A 361 5.19 0.89 10.32
N TYR A 362 5.62 -0.29 9.91
CA TYR A 362 6.88 -0.85 10.42
C TYR A 362 8.06 0.05 10.11
N GLN A 363 7.94 0.82 9.05
CA GLN A 363 8.98 1.76 8.62
C GLN A 363 8.80 3.13 9.29
N ILE A 364 7.79 3.23 10.12
CA ILE A 364 7.47 4.51 10.78
C ILE A 364 7.47 4.47 12.30
N TYR A 365 6.60 3.65 12.86
CA TYR A 365 6.44 3.55 14.31
C TYR A 365 7.64 2.86 14.96
N GLU A 366 7.86 3.26 16.20
CA GLU A 366 8.93 2.75 17.04
C GLU A 366 10.29 2.89 16.38
N GLY A 367 10.57 4.11 15.94
CA GLY A 367 11.83 4.45 15.28
C GLY A 367 11.73 4.22 13.78
N THR A 368 11.52 5.31 13.06
CA THR A 368 11.38 5.28 11.61
C THR A 368 12.66 4.68 11.02
N ALA A 369 12.58 4.40 9.73
CA ALA A 369 13.69 3.82 8.98
C ALA A 369 14.95 4.68 9.11
N GLN A 370 14.76 5.99 8.97
CA GLN A 370 15.85 6.98 8.97
C GLN A 370 16.50 7.03 10.35
N ILE A 371 15.70 7.15 11.41
CA ILE A 371 16.17 7.23 12.79
C ILE A 371 17.01 6.00 13.13
N GLN A 372 16.63 4.87 12.57
CA GLN A 372 17.32 3.60 12.78
C GLN A 372 18.76 3.70 12.24
N ARG A 373 18.89 4.37 11.11
CA ARG A 373 20.21 4.53 10.47
C ARG A 373 21.08 5.46 11.32
N ILE A 374 20.41 6.44 11.91
CA ILE A 374 21.09 7.42 12.77
C ILE A 374 21.73 6.70 13.96
N ILE A 375 20.95 5.80 14.54
CA ILE A 375 21.35 4.99 15.69
C ILE A 375 22.43 3.98 15.33
N ILE A 376 22.30 3.36 14.17
CA ILE A 376 23.28 2.38 13.71
C ILE A 376 24.61 3.09 13.43
N ALA A 377 24.53 4.24 12.81
CA ALA A 377 25.72 5.02 12.46
C ALA A 377 26.48 5.43 13.72
N ARG A 378 25.74 5.80 14.74
CA ARG A 378 26.29 6.24 16.02
C ARG A 378 26.95 5.10 16.78
N GLU A 379 26.29 3.96 16.79
CA GLU A 379 26.78 2.76 17.48
C GLU A 379 27.94 2.16 16.72
N HIS A 380 27.84 2.19 15.40
CA HIS A 380 28.89 1.67 14.52
C HIS A 380 30.18 2.48 14.71
N ILE A 381 30.08 3.76 14.44
CA ILE A 381 31.22 4.70 14.56
C ILE A 381 31.82 4.65 15.95
N GLY A 382 30.97 4.64 16.95
CA GLY A 382 31.37 4.59 18.36
C GLY A 382 32.38 3.50 18.65
N ARG A 383 32.34 2.44 17.86
CA ARG A 383 33.19 1.27 17.95
C ARG A 383 34.60 1.52 17.39
N TYR A 384 34.76 2.62 16.71
CA TYR A 384 36.05 2.99 16.11
C TYR A 384 36.71 4.03 17.03
N LYS A 385 36.33 3.83 18.29
CA LYS A 385 36.76 4.62 19.44
C LYS A 385 36.86 3.71 20.67
N GLY B 1 16.41 17.64 -35.53
CA GLY B 1 16.92 18.24 -34.29
C GLY B 1 15.97 17.89 -33.14
N PHE B 2 16.53 17.93 -31.95
CA PHE B 2 15.78 17.63 -30.73
C PHE B 2 14.95 18.84 -30.32
N SER B 3 13.87 18.53 -29.64
CA SER B 3 12.92 19.52 -29.13
C SER B 3 12.07 18.86 -28.04
N PHE B 4 11.96 19.57 -26.94
CA PHE B 4 11.17 19.13 -25.77
C PHE B 4 10.17 20.25 -25.43
N GLU B 5 9.90 21.02 -26.47
CA GLU B 5 8.99 22.16 -26.42
C GLU B 5 7.60 21.82 -26.91
N LEU B 6 6.63 22.18 -26.08
CA LEU B 6 5.21 21.95 -26.38
C LEU B 6 4.73 23.03 -27.36
N THR B 7 3.73 22.63 -28.14
CA THR B 7 3.12 23.57 -29.10
C THR B 7 2.19 24.47 -28.28
N GLU B 8 1.75 25.55 -28.88
CA GLU B 8 0.84 26.50 -28.21
C GLU B 8 -0.51 25.86 -27.96
N GLN B 9 -0.86 24.94 -28.83
CA GLN B 9 -2.13 24.19 -28.75
C GLN B 9 -2.06 23.18 -27.60
N GLN B 10 -0.89 22.60 -27.47
CA GLN B 10 -0.60 21.61 -26.42
C GLN B 10 -0.60 22.32 -25.07
N LYS B 11 0.00 23.50 -25.05
CA LYS B 11 0.07 24.32 -23.83
C LYS B 11 -1.32 24.63 -23.27
N GLU B 12 -2.34 24.84 -24.26
CA GLU B 12 -3.66 25.18 -23.68
C GLU B 12 -4.40 23.92 -23.25
N PHE B 13 -4.23 22.69 -24.05
CA PHE B 13 -4.91 21.51 -23.51
C PHE B 13 -4.44 21.25 -22.07
N GLN B 14 -3.09 21.35 -21.91
CA GLN B 14 -2.38 21.10 -20.66
C GLN B 14 -2.93 22.00 -19.54
N ALA B 15 -3.16 23.25 -19.86
CA ALA B 15 -3.69 24.24 -18.91
C ALA B 15 -5.13 23.89 -18.52
N THR B 16 -5.90 23.45 -19.50
CA THR B 16 -7.30 23.06 -19.29
C THR B 16 -7.37 21.84 -18.36
N ALA B 17 -6.53 20.86 -18.66
CA ALA B 17 -6.45 19.63 -17.88
C ALA B 17 -5.92 19.90 -16.47
N ARG B 18 -4.98 20.82 -16.35
CA ARG B 18 -4.35 21.17 -15.08
C ARG B 18 -5.28 21.94 -14.16
N LYS B 19 -6.12 22.78 -14.74
CA LYS B 19 -7.08 23.58 -13.98
C LYS B 19 -8.19 22.69 -13.44
N PHE B 20 -8.70 21.84 -14.30
CA PHE B 20 -9.79 20.90 -13.98
C PHE B 20 -9.33 19.94 -12.88
N ALA B 21 -8.17 19.35 -13.11
CA ALA B 21 -7.60 18.37 -12.19
C ALA B 21 -7.41 18.91 -10.78
N ARG B 22 -6.81 20.13 -10.68
CA ARG B 22 -6.44 20.58 -9.33
C ARG B 22 -7.55 21.47 -8.74
N GLU B 23 -8.53 21.96 -9.54
CA GLU B 23 -9.65 22.76 -9.02
C GLU B 23 -10.93 21.97 -8.84
N GLU B 24 -11.05 20.83 -9.51
CA GLU B 24 -12.27 20.03 -9.42
C GLU B 24 -12.06 18.62 -8.90
N ILE B 25 -11.09 17.90 -9.43
CA ILE B 25 -10.82 16.53 -8.99
C ILE B 25 -10.31 16.50 -7.55
N ILE B 26 -9.15 17.09 -7.34
CA ILE B 26 -8.49 17.15 -6.04
C ILE B 26 -9.39 17.36 -4.85
N PRO B 27 -10.21 18.40 -4.86
CA PRO B 27 -11.10 18.72 -3.74
C PRO B 27 -12.07 17.63 -3.35
N VAL B 28 -12.35 16.70 -4.25
CA VAL B 28 -13.34 15.64 -3.94
C VAL B 28 -12.82 14.23 -4.06
N ALA B 29 -11.61 14.03 -4.55
CA ALA B 29 -11.04 12.70 -4.76
C ALA B 29 -11.04 11.81 -3.52
N ALA B 30 -10.84 12.38 -2.35
CA ALA B 30 -10.79 11.63 -1.10
C ALA B 30 -12.16 11.06 -0.74
N GLU B 31 -13.21 11.83 -0.90
CA GLU B 31 -14.59 11.42 -0.57
C GLU B 31 -15.04 10.32 -1.55
N TYR B 32 -14.55 10.37 -2.82
CA TYR B 32 -14.87 9.34 -3.82
C TYR B 32 -14.14 8.03 -3.52
N ASP B 33 -12.94 8.16 -2.97
CA ASP B 33 -12.10 7.00 -2.62
C ASP B 33 -12.72 6.24 -1.43
N ARG B 34 -13.30 7.01 -0.53
CA ARG B 34 -13.93 6.46 0.67
C ARG B 34 -15.23 5.73 0.32
N THR B 35 -16.06 6.38 -0.47
CA THR B 35 -17.37 5.83 -0.83
C THR B 35 -17.32 4.79 -1.94
N GLY B 36 -16.47 4.99 -2.92
CA GLY B 36 -16.33 4.06 -4.05
C GLY B 36 -17.26 4.48 -5.19
N GLU B 37 -18.11 5.43 -4.89
CA GLU B 37 -19.10 6.01 -5.78
C GLU B 37 -18.50 6.42 -7.13
N TYR B 38 -19.23 6.12 -8.19
CA TYR B 38 -18.80 6.48 -9.57
C TYR B 38 -18.92 8.00 -9.70
N PRO B 39 -17.84 8.62 -10.11
CA PRO B 39 -17.75 10.07 -10.24
C PRO B 39 -18.35 10.66 -11.50
N VAL B 40 -19.62 10.36 -11.72
CA VAL B 40 -20.36 10.83 -12.90
C VAL B 40 -20.22 12.32 -13.15
N PRO B 41 -20.35 13.16 -12.16
CA PRO B 41 -20.23 14.62 -12.31
C PRO B 41 -18.92 15.08 -12.90
N LEU B 42 -17.82 14.46 -12.49
CA LEU B 42 -16.48 14.81 -12.96
C LEU B 42 -16.33 14.36 -14.42
N LEU B 43 -16.82 13.16 -14.68
CA LEU B 43 -16.75 12.56 -16.03
C LEU B 43 -17.56 13.45 -16.97
N LYS B 44 -18.74 13.77 -16.51
CA LYS B 44 -19.67 14.64 -17.22
C LYS B 44 -18.93 15.92 -17.61
N ARG B 45 -18.34 16.54 -16.60
CA ARG B 45 -17.57 17.77 -16.75
C ARG B 45 -16.35 17.57 -17.64
N ALA B 46 -15.68 16.44 -17.49
CA ALA B 46 -14.48 16.11 -18.27
C ALA B 46 -14.81 16.03 -19.76
N TRP B 47 -16.00 15.51 -20.03
CA TRP B 47 -16.51 15.37 -21.40
C TRP B 47 -16.75 16.75 -22.02
N GLU B 48 -17.33 17.64 -21.24
CA GLU B 48 -17.66 19.00 -21.69
C GLU B 48 -16.41 19.83 -21.97
N LEU B 49 -15.40 19.60 -21.16
CA LEU B 49 -14.11 20.31 -21.27
C LEU B 49 -13.29 19.77 -22.43
N GLY B 50 -13.74 18.67 -23.00
CA GLY B 50 -13.08 17.99 -24.11
C GLY B 50 -11.81 17.26 -23.68
N LEU B 51 -11.81 16.70 -22.48
CA LEU B 51 -10.66 15.98 -21.95
C LEU B 51 -10.89 14.46 -21.93
N MET B 52 -11.86 14.04 -22.71
CA MET B 52 -12.27 12.64 -22.84
C MET B 52 -12.36 12.27 -24.33
N ASN B 53 -12.26 10.99 -24.59
CA ASN B 53 -12.37 10.44 -25.95
C ASN B 53 -11.51 11.22 -26.95
N THR B 54 -10.44 11.74 -26.52
CA THR B 54 -9.46 12.65 -27.13
C THR B 54 -8.90 12.12 -28.46
N HIS B 55 -8.91 10.82 -28.73
CA HIS B 55 -8.33 10.22 -29.93
C HIS B 55 -9.31 10.07 -31.09
N ILE B 56 -10.58 10.29 -30.82
CA ILE B 56 -11.62 10.18 -31.84
C ILE B 56 -11.36 11.17 -32.98
N PRO B 57 -11.27 10.60 -34.17
CA PRO B 57 -11.03 11.38 -35.40
C PRO B 57 -12.10 12.45 -35.55
N GLU B 58 -11.70 13.57 -36.11
CA GLU B 58 -12.55 14.73 -36.36
C GLU B 58 -13.78 14.42 -37.21
N SER B 59 -13.61 13.52 -38.16
CA SER B 59 -14.73 13.14 -39.05
C SER B 59 -15.94 12.70 -38.22
N PHE B 60 -15.64 12.05 -37.11
CA PHE B 60 -16.65 11.52 -36.19
C PHE B 60 -16.98 12.50 -35.08
N GLY B 61 -16.60 13.74 -35.27
CA GLY B 61 -16.85 14.82 -34.32
C GLY B 61 -15.84 14.92 -33.19
N GLY B 62 -14.79 14.14 -33.25
CA GLY B 62 -13.73 14.12 -32.23
C GLY B 62 -12.72 15.23 -32.43
N LEU B 63 -11.71 15.20 -31.58
CA LEU B 63 -10.62 16.19 -31.59
C LEU B 63 -9.48 15.72 -32.48
N GLY B 64 -9.37 14.41 -32.60
CA GLY B 64 -8.32 13.76 -33.39
C GLY B 64 -6.93 14.08 -32.84
N LEU B 65 -6.80 13.94 -31.53
CA LEU B 65 -5.51 14.23 -30.86
C LEU B 65 -4.57 13.02 -31.01
N GLY B 66 -3.29 13.32 -30.96
CA GLY B 66 -2.24 12.29 -31.08
C GLY B 66 -1.99 11.70 -29.69
N ILE B 67 -1.09 10.75 -29.65
CA ILE B 67 -0.73 10.06 -28.40
C ILE B 67 -0.02 11.01 -27.44
N ILE B 68 0.76 11.92 -28.00
CA ILE B 68 1.50 12.90 -27.21
C ILE B 68 0.53 13.77 -26.41
N ASP B 69 -0.48 14.27 -27.10
CA ASP B 69 -1.51 15.13 -26.49
C ASP B 69 -2.18 14.33 -25.36
N SER B 70 -2.59 13.12 -25.68
CA SER B 70 -3.22 12.24 -24.70
C SER B 70 -2.40 12.17 -23.40
N CYS B 71 -1.14 11.87 -23.58
CA CYS B 71 -0.18 11.75 -22.47
C CYS B 71 -0.12 13.04 -21.67
N LEU B 72 -0.02 14.14 -22.39
CA LEU B 72 0.04 15.48 -21.80
C LEU B 72 -1.16 15.71 -20.88
N ILE B 73 -2.33 15.45 -21.43
CA ILE B 73 -3.60 15.60 -20.72
C ILE B 73 -3.70 14.60 -19.58
N THR B 74 -3.45 13.35 -19.91
CA THR B 74 -3.49 12.22 -19.00
C THR B 74 -2.72 12.54 -17.71
N GLU B 75 -1.49 12.96 -17.89
CA GLU B 75 -0.61 13.25 -16.77
C GLU B 75 -1.17 14.29 -15.80
N GLU B 76 -1.94 15.23 -16.32
CA GLU B 76 -2.53 16.28 -15.47
C GLU B 76 -3.71 15.73 -14.69
N LEU B 77 -4.54 14.96 -15.35
CA LEU B 77 -5.72 14.33 -14.77
C LEU B 77 -5.31 13.37 -13.65
N ALA B 78 -4.29 12.60 -13.98
CA ALA B 78 -3.72 11.57 -13.10
C ALA B 78 -3.25 12.21 -11.79
N TYR B 79 -2.65 13.37 -11.94
CA TYR B 79 -2.15 14.15 -10.80
C TYR B 79 -3.23 14.30 -9.74
N GLY B 80 -4.44 14.56 -10.22
CA GLY B 80 -5.64 14.74 -9.41
C GLY B 80 -6.08 13.44 -8.75
N CYS B 81 -6.33 12.45 -9.60
CA CYS B 81 -6.76 11.13 -9.15
C CYS B 81 -6.73 10.13 -10.31
N THR B 82 -6.10 9.01 -10.05
CA THR B 82 -5.96 7.92 -11.03
C THR B 82 -7.24 7.08 -11.02
N GLY B 83 -7.99 7.24 -9.93
CA GLY B 83 -9.30 6.54 -9.80
C GLY B 83 -10.19 7.11 -10.93
N VAL B 84 -10.33 8.41 -10.91
CA VAL B 84 -11.14 9.16 -11.90
C VAL B 84 -10.57 8.96 -13.30
N GLN B 85 -9.29 9.24 -13.43
CA GLN B 85 -8.54 9.14 -14.67
C GLN B 85 -8.66 7.79 -15.36
N THR B 86 -8.57 6.67 -14.64
CA THR B 86 -8.68 5.36 -15.29
C THR B 86 -10.05 5.18 -15.93
N ALA B 87 -11.06 5.80 -15.37
CA ALA B 87 -12.42 5.75 -15.95
C ALA B 87 -12.37 6.35 -17.35
N ILE B 88 -11.69 7.48 -17.42
CA ILE B 88 -11.49 8.23 -18.66
C ILE B 88 -10.68 7.40 -19.66
N GLU B 89 -9.63 6.81 -19.12
CA GLU B 89 -8.68 5.98 -19.85
C GLU B 89 -9.35 4.77 -20.47
N ALA B 90 -10.24 4.17 -19.68
CA ALA B 90 -10.97 2.97 -20.13
C ALA B 90 -11.64 3.25 -21.46
N ASN B 91 -12.28 4.40 -21.56
CA ASN B 91 -12.97 4.81 -22.80
C ASN B 91 -12.03 4.68 -24.00
N THR B 92 -10.83 5.20 -23.85
CA THR B 92 -9.82 5.19 -24.92
C THR B 92 -9.37 3.77 -25.23
N LEU B 93 -9.32 2.95 -24.19
CA LEU B 93 -8.93 1.54 -24.34
C LEU B 93 -9.91 0.86 -25.29
N GLY B 94 -11.17 1.20 -25.13
CA GLY B 94 -12.27 0.64 -25.92
C GLY B 94 -12.34 1.18 -27.34
N GLN B 95 -11.95 2.43 -27.49
CA GLN B 95 -11.99 3.15 -28.78
C GLN B 95 -10.89 2.80 -29.75
N VAL B 96 -9.66 2.73 -29.28
CA VAL B 96 -8.50 2.46 -30.15
C VAL B 96 -8.70 1.30 -31.10
N PRO B 97 -9.09 0.14 -30.60
CA PRO B 97 -9.31 -1.04 -31.46
C PRO B 97 -10.15 -0.70 -32.67
N LEU B 98 -11.24 0.00 -32.41
CA LEU B 98 -12.20 0.45 -33.41
C LEU B 98 -11.55 1.37 -34.43
N ILE B 99 -10.78 2.32 -33.94
CA ILE B 99 -10.08 3.32 -34.75
C ILE B 99 -9.00 2.72 -35.64
N ILE B 100 -8.42 1.62 -35.23
CA ILE B 100 -7.35 0.99 -36.02
C ILE B 100 -7.79 -0.24 -36.78
N GLY B 101 -8.98 -0.76 -36.49
CA GLY B 101 -9.48 -1.96 -37.15
C GLY B 101 -10.93 -1.92 -37.56
N GLY B 102 -11.57 -0.78 -37.43
CA GLY B 102 -12.98 -0.62 -37.79
C GLY B 102 -13.14 0.09 -39.12
N ASN B 103 -14.31 -0.17 -39.71
CA ASN B 103 -14.68 0.43 -41.01
C ASN B 103 -15.37 1.76 -40.67
N TYR B 104 -15.60 2.54 -41.69
CA TYR B 104 -16.25 3.86 -41.52
C TYR B 104 -17.60 3.74 -40.85
N GLN B 105 -18.33 2.71 -41.24
CA GLN B 105 -19.67 2.41 -40.73
C GLN B 105 -19.66 2.18 -39.23
N GLN B 106 -18.71 1.36 -38.79
CA GLN B 106 -18.53 1.01 -37.38
C GLN B 106 -18.11 2.21 -36.55
N GLN B 107 -17.15 2.95 -37.06
CA GLN B 107 -16.60 4.12 -36.39
C GLN B 107 -17.65 5.20 -36.20
N LYS B 108 -18.33 5.53 -37.26
CA LYS B 108 -19.39 6.55 -37.28
C LYS B 108 -20.43 6.31 -36.20
N LYS B 109 -20.90 5.08 -36.12
CA LYS B 109 -21.95 4.68 -35.17
C LYS B 109 -21.48 4.63 -33.73
N TYR B 110 -20.38 3.91 -33.51
CA TYR B 110 -19.83 3.70 -32.16
C TYR B 110 -18.95 4.80 -31.63
N LEU B 111 -18.11 5.42 -32.42
CA LEU B 111 -17.25 6.53 -31.98
C LEU B 111 -18.12 7.80 -31.91
N GLY B 112 -18.92 7.94 -32.96
CA GLY B 112 -19.81 9.06 -33.17
C GLY B 112 -20.73 9.39 -32.01
N ARG B 113 -21.21 8.27 -31.27
CA ARG B 113 -22.19 8.63 -30.24
C ARG B 113 -21.47 9.00 -28.93
N MET B 114 -20.18 8.78 -28.87
CA MET B 114 -19.35 9.16 -27.71
C MET B 114 -19.20 10.69 -27.69
N THR B 115 -19.18 11.23 -28.89
CA THR B 115 -19.03 12.66 -29.15
C THR B 115 -20.31 13.44 -28.93
N GLU B 116 -21.43 12.76 -29.01
CA GLU B 116 -22.76 13.35 -28.86
C GLU B 116 -23.19 13.48 -27.39
N GLU B 117 -22.92 12.43 -26.61
CA GLU B 117 -23.22 12.35 -25.17
C GLU B 117 -22.01 11.87 -24.39
N PRO B 118 -22.12 12.07 -23.08
CA PRO B 118 -21.12 11.58 -22.12
C PRO B 118 -21.35 10.10 -21.84
N LEU B 119 -21.01 9.30 -22.84
CA LEU B 119 -21.13 7.84 -22.77
C LEU B 119 -19.78 7.26 -22.34
N MET B 120 -19.84 6.02 -21.91
CA MET B 120 -18.64 5.28 -21.49
C MET B 120 -18.62 3.97 -22.30
N CYS B 121 -17.44 3.39 -22.38
CA CYS B 121 -17.22 2.12 -23.09
C CYS B 121 -16.10 1.39 -22.37
N ALA B 122 -15.94 0.11 -22.67
CA ALA B 122 -14.93 -0.73 -22.03
C ALA B 122 -14.24 -1.65 -23.03
N TYR B 123 -13.14 -2.18 -22.54
CA TYR B 123 -12.24 -3.12 -23.24
C TYR B 123 -12.25 -4.43 -22.47
N CYS B 124 -12.81 -5.45 -23.07
CA CYS B 124 -12.97 -6.79 -22.53
C CYS B 124 -12.07 -7.83 -23.18
N VAL B 125 -11.04 -8.22 -22.47
CA VAL B 125 -10.11 -9.26 -22.94
C VAL B 125 -9.85 -10.25 -21.81
N THR B 126 -9.33 -9.74 -20.71
CA THR B 126 -9.01 -10.55 -19.53
C THR B 126 -10.18 -11.42 -19.10
N GLU B 127 -9.83 -12.59 -18.60
CA GLU B 127 -10.77 -13.60 -18.09
C GLU B 127 -10.25 -14.14 -16.78
N PRO B 128 -11.13 -14.73 -15.99
CA PRO B 128 -10.78 -15.31 -14.69
C PRO B 128 -9.60 -16.25 -14.76
N GLY B 129 -9.47 -16.90 -15.91
CA GLY B 129 -8.41 -17.88 -16.16
C GLY B 129 -7.20 -17.35 -16.91
N ALA B 130 -7.35 -16.20 -17.53
CA ALA B 130 -6.24 -15.62 -18.32
C ALA B 130 -6.28 -14.11 -18.43
N GLY B 131 -5.17 -13.48 -18.09
CA GLY B 131 -4.97 -12.03 -18.14
C GLY B 131 -3.69 -11.73 -18.92
N SER B 132 -2.57 -12.17 -18.40
CA SER B 132 -1.25 -11.98 -19.02
C SER B 132 -1.16 -12.80 -20.32
N ASP B 133 -1.74 -13.97 -20.24
CA ASP B 133 -1.76 -14.96 -21.35
C ASP B 133 -3.02 -14.72 -22.18
N VAL B 134 -2.93 -13.73 -23.05
CA VAL B 134 -4.04 -13.32 -23.91
C VAL B 134 -4.45 -14.46 -24.83
N ALA B 135 -3.46 -15.20 -25.31
CA ALA B 135 -3.69 -16.34 -26.21
C ALA B 135 -4.35 -17.50 -25.48
N GLY B 136 -4.64 -17.31 -24.21
CA GLY B 136 -5.26 -18.33 -23.37
C GLY B 136 -6.72 -18.02 -23.04
N ILE B 137 -7.31 -16.87 -23.72
CA ILE B 137 -8.72 -16.61 -23.39
C ILE B 137 -9.58 -17.72 -23.98
N LYS B 138 -10.78 -17.89 -23.41
CA LYS B 138 -11.68 -18.98 -23.84
C LYS B 138 -13.12 -18.56 -24.20
N THR B 139 -13.46 -17.29 -24.13
CA THR B 139 -14.85 -16.88 -24.49
C THR B 139 -15.03 -16.99 -26.00
N LYS B 140 -15.80 -18.04 -26.33
CA LYS B 140 -15.96 -18.52 -27.71
C LYS B 140 -17.02 -17.71 -28.47
N ALA B 141 -16.79 -17.66 -29.76
CA ALA B 141 -17.64 -16.98 -30.74
C ALA B 141 -17.94 -17.98 -31.86
N GLU B 142 -19.21 -18.28 -32.01
CA GLU B 142 -19.70 -19.22 -33.02
C GLU B 142 -20.61 -18.53 -34.03
N LYS B 143 -20.16 -18.63 -35.27
CA LYS B 143 -20.85 -18.05 -36.44
C LYS B 143 -22.12 -18.87 -36.68
N LYS B 144 -23.24 -18.17 -36.58
CA LYS B 144 -24.56 -18.79 -36.78
C LYS B 144 -25.39 -17.92 -37.72
N GLY B 145 -25.14 -18.15 -38.99
CA GLY B 145 -25.80 -17.42 -40.09
C GLY B 145 -25.04 -16.10 -40.31
N ASP B 146 -25.76 -15.03 -40.08
CA ASP B 146 -25.23 -13.67 -40.25
C ASP B 146 -25.05 -13.04 -38.87
N GLU B 147 -24.74 -13.91 -37.93
CA GLU B 147 -24.53 -13.54 -36.53
C GLU B 147 -23.50 -14.45 -35.86
N TYR B 148 -23.01 -13.96 -34.74
CA TYR B 148 -22.05 -14.69 -33.89
C TYR B 148 -22.68 -14.84 -32.51
N ILE B 149 -22.39 -15.97 -31.90
CA ILE B 149 -22.86 -16.33 -30.57
C ILE B 149 -21.67 -16.36 -29.61
N ILE B 150 -21.70 -15.44 -28.66
CA ILE B 150 -20.64 -15.31 -27.66
C ILE B 150 -20.99 -16.04 -26.36
N ASN B 151 -20.04 -16.83 -25.92
CA ASN B 151 -20.14 -17.60 -24.68
C ASN B 151 -18.77 -17.53 -23.97
N GLY B 152 -18.83 -16.93 -22.79
CA GLY B 152 -17.65 -16.77 -21.94
C GLY B 152 -17.90 -15.81 -20.79
N GLN B 153 -16.84 -15.65 -20.03
CA GLN B 153 -16.81 -14.75 -18.86
C GLN B 153 -15.53 -13.92 -18.95
N LYS B 154 -15.70 -12.66 -18.61
CA LYS B 154 -14.60 -11.67 -18.60
C LYS B 154 -14.56 -11.10 -17.17
N MET B 155 -13.34 -10.88 -16.72
CA MET B 155 -13.08 -10.40 -15.36
C MET B 155 -12.15 -9.19 -15.38
N TRP B 156 -12.37 -8.34 -14.39
CA TRP B 156 -11.62 -7.12 -14.15
C TRP B 156 -11.85 -6.09 -15.25
N ILE B 157 -13.10 -5.86 -15.60
CA ILE B 157 -13.44 -4.90 -16.67
C ILE B 157 -13.76 -3.50 -16.16
N THR B 158 -12.87 -2.57 -16.46
CA THR B 158 -13.03 -1.16 -16.10
C THR B 158 -14.24 -0.61 -16.88
N ASN B 159 -15.09 0.11 -16.18
CA ASN B 159 -16.31 0.69 -16.77
C ASN B 159 -17.24 -0.46 -17.17
N GLY B 160 -17.00 -1.62 -16.60
CA GLY B 160 -17.75 -2.84 -16.85
C GLY B 160 -19.25 -2.69 -16.78
N GLY B 161 -19.75 -2.05 -15.73
CA GLY B 161 -21.17 -1.86 -15.48
C GLY B 161 -21.67 -0.49 -15.88
N LYS B 162 -20.84 0.26 -16.58
CA LYS B 162 -21.12 1.62 -17.02
C LYS B 162 -20.94 1.83 -18.52
N ALA B 163 -20.59 0.78 -19.23
CA ALA B 163 -20.34 0.87 -20.67
C ALA B 163 -21.58 0.76 -21.53
N ASN B 164 -21.57 1.57 -22.59
CA ASN B 164 -22.63 1.60 -23.61
C ASN B 164 -22.37 0.39 -24.53
N TRP B 165 -21.09 0.19 -24.76
CA TRP B 165 -20.60 -0.92 -25.61
C TRP B 165 -19.19 -1.31 -25.17
N TYR B 166 -18.87 -2.55 -25.53
CA TYR B 166 -17.59 -3.16 -25.22
C TYR B 166 -16.85 -3.60 -26.48
N PHE B 167 -15.46 -3.38 -26.46
CA PHE B 167 -14.66 -4.21 -27.36
C PHE B 167 -14.37 -5.54 -26.67
N LEU B 168 -14.79 -6.57 -27.35
CA LEU B 168 -14.69 -7.94 -26.85
C LEU B 168 -13.88 -8.82 -27.82
N LEU B 169 -12.81 -9.48 -27.22
CA LEU B 169 -11.90 -10.41 -27.89
C LEU B 169 -12.32 -11.84 -27.54
N ALA B 170 -12.71 -12.59 -28.55
CA ALA B 170 -13.15 -13.98 -28.37
C ALA B 170 -12.43 -14.91 -29.33
N ARG B 171 -12.32 -16.16 -28.89
CA ARG B 171 -11.69 -17.23 -29.69
C ARG B 171 -12.71 -17.70 -30.73
N SER B 172 -12.36 -17.55 -31.99
CA SER B 172 -13.25 -17.93 -33.10
C SER B 172 -12.82 -19.21 -33.79
N ASP B 173 -11.67 -19.73 -33.44
CA ASP B 173 -11.14 -20.98 -34.01
C ASP B 173 -11.00 -22.01 -32.87
N PRO B 174 -11.92 -22.97 -32.90
CA PRO B 174 -11.96 -24.03 -31.91
C PRO B 174 -10.74 -24.91 -31.88
N ASP B 175 -9.97 -24.95 -32.96
CA ASP B 175 -8.75 -25.80 -32.97
C ASP B 175 -7.76 -25.17 -31.98
N PRO B 176 -7.44 -25.95 -30.96
CA PRO B 176 -6.51 -25.54 -29.90
C PRO B 176 -5.09 -25.43 -30.41
N LYS B 177 -4.91 -25.88 -31.64
CA LYS B 177 -3.59 -25.86 -32.29
C LYS B 177 -3.50 -24.77 -33.33
N ALA B 178 -4.51 -23.91 -33.30
CA ALA B 178 -4.60 -22.77 -34.22
C ALA B 178 -3.72 -21.63 -33.70
N PRO B 179 -2.96 -21.05 -34.62
CA PRO B 179 -2.07 -19.93 -34.31
C PRO B 179 -2.84 -18.76 -33.72
N ALA B 180 -2.29 -18.22 -32.64
CA ALA B 180 -2.90 -17.08 -31.93
C ALA B 180 -3.23 -15.99 -32.94
N SER B 181 -2.33 -15.83 -33.89
CA SER B 181 -2.41 -14.83 -34.95
C SER B 181 -3.62 -14.98 -35.85
N LYS B 182 -4.31 -16.09 -35.71
CA LYS B 182 -5.47 -16.42 -36.56
C LYS B 182 -6.69 -16.92 -35.84
N ALA B 183 -6.58 -17.19 -34.56
CA ALA B 183 -7.65 -17.75 -33.74
C ALA B 183 -8.61 -16.77 -33.10
N PHE B 184 -8.37 -15.48 -33.14
CA PHE B 184 -9.26 -14.52 -32.47
C PHE B 184 -9.93 -13.49 -33.36
N THR B 185 -11.03 -12.97 -32.83
CA THR B 185 -11.86 -11.95 -33.47
C THR B 185 -12.25 -10.87 -32.47
N GLY B 186 -12.19 -9.63 -32.94
CA GLY B 186 -12.53 -8.44 -32.13
C GLY B 186 -14.00 -8.10 -32.44
N PHE B 187 -14.73 -7.73 -31.41
CA PHE B 187 -16.14 -7.39 -31.53
C PHE B 187 -16.50 -6.13 -30.72
N ILE B 188 -17.49 -5.47 -31.27
CA ILE B 188 -18.20 -4.36 -30.59
C ILE B 188 -19.56 -4.86 -30.12
N VAL B 189 -19.60 -5.09 -28.81
CA VAL B 189 -20.82 -5.64 -28.20
C VAL B 189 -21.49 -4.58 -27.34
N GLU B 190 -22.76 -4.39 -27.62
CA GLU B 190 -23.61 -3.44 -26.90
C GLU B 190 -24.04 -4.09 -25.59
N ALA B 191 -23.86 -3.36 -24.51
CA ALA B 191 -24.16 -3.79 -23.16
C ALA B 191 -25.58 -4.25 -22.92
N ASP B 192 -26.54 -3.68 -23.62
CA ASP B 192 -27.96 -4.03 -23.43
C ASP B 192 -28.36 -5.31 -24.13
N THR B 193 -27.46 -5.93 -24.88
CA THR B 193 -27.75 -7.17 -25.59
C THR B 193 -28.13 -8.26 -24.58
N PRO B 194 -29.23 -8.93 -24.88
CA PRO B 194 -29.72 -10.04 -24.06
C PRO B 194 -28.63 -11.10 -23.94
N GLY B 195 -28.30 -11.46 -22.71
CA GLY B 195 -27.28 -12.47 -22.45
C GLY B 195 -26.06 -11.95 -21.73
N VAL B 196 -25.91 -10.65 -21.61
CA VAL B 196 -24.73 -10.10 -20.90
C VAL B 196 -25.14 -9.90 -19.42
N GLN B 197 -24.43 -10.63 -18.58
CA GLN B 197 -24.68 -10.59 -17.12
C GLN B 197 -23.53 -9.85 -16.44
N ILE B 198 -23.83 -8.60 -16.09
CA ILE B 198 -22.89 -7.71 -15.41
C ILE B 198 -22.81 -8.08 -13.94
N GLY B 199 -21.63 -8.45 -13.52
CA GLY B 199 -21.34 -8.85 -12.14
C GLY B 199 -21.41 -7.67 -11.18
N ARG B 200 -20.99 -7.97 -9.97
CA ARG B 200 -20.91 -7.06 -8.84
C ARG B 200 -19.73 -6.11 -9.05
N LYS B 201 -19.74 -5.03 -8.28
CA LYS B 201 -18.60 -4.08 -8.33
C LYS B 201 -17.56 -4.71 -7.40
N GLU B 202 -16.39 -4.94 -7.97
CA GLU B 202 -15.26 -5.50 -7.22
C GLU B 202 -14.69 -4.41 -6.33
N ILE B 203 -14.29 -4.80 -5.15
CA ILE B 203 -13.71 -3.91 -4.14
C ILE B 203 -12.20 -4.16 -4.12
N ASN B 204 -11.46 -3.15 -4.55
CA ASN B 204 -10.00 -3.26 -4.64
C ASN B 204 -9.33 -2.33 -3.62
N MET B 205 -8.02 -2.49 -3.53
CA MET B 205 -7.19 -1.71 -2.60
C MET B 205 -7.19 -0.23 -2.95
N GLY B 206 -7.03 0.08 -4.22
CA GLY B 206 -6.98 1.44 -4.72
C GLY B 206 -7.92 1.68 -5.89
N GLN B 207 -7.85 2.89 -6.42
CA GLN B 207 -8.67 3.36 -7.55
C GLN B 207 -10.12 2.91 -7.31
N ARG B 208 -10.53 3.02 -6.07
CA ARG B 208 -11.82 2.59 -5.56
C ARG B 208 -13.06 3.21 -6.15
N CYS B 209 -12.97 4.35 -6.80
CA CYS B 209 -14.17 4.99 -7.39
C CYS B 209 -14.38 4.49 -8.82
N SER B 210 -13.36 3.82 -9.31
CA SER B 210 -13.36 3.23 -10.67
C SER B 210 -14.23 1.98 -10.64
N ASP B 211 -15.06 1.84 -11.66
CA ASP B 211 -15.97 0.68 -11.79
C ASP B 211 -15.22 -0.46 -12.48
N THR B 212 -15.02 -1.52 -11.74
CA THR B 212 -14.33 -2.74 -12.18
C THR B 212 -15.28 -3.92 -11.94
N ARG B 213 -15.52 -4.70 -12.96
CA ARG B 213 -16.43 -5.83 -12.88
C ARG B 213 -16.14 -7.03 -13.77
N GLY B 214 -16.80 -8.11 -13.37
CA GLY B 214 -16.76 -9.41 -14.09
C GLY B 214 -18.03 -9.38 -14.97
N ILE B 215 -17.93 -9.93 -16.15
CA ILE B 215 -19.08 -9.98 -17.09
C ILE B 215 -19.16 -11.36 -17.72
N VAL B 216 -20.37 -11.86 -17.80
CA VAL B 216 -20.69 -13.18 -18.37
C VAL B 216 -21.51 -12.99 -19.65
N PHE B 217 -21.14 -13.75 -20.66
CA PHE B 217 -21.83 -13.72 -21.97
C PHE B 217 -22.46 -15.11 -22.18
N GLU B 218 -23.77 -15.09 -22.21
CA GLU B 218 -24.58 -16.30 -22.42
C GLU B 218 -25.36 -16.14 -23.71
N ASP B 219 -25.01 -16.97 -24.67
CA ASP B 219 -25.62 -16.99 -26.01
C ASP B 219 -25.94 -15.56 -26.47
N VAL B 220 -24.93 -14.72 -26.45
CA VAL B 220 -25.05 -13.32 -26.89
C VAL B 220 -24.88 -13.28 -28.41
N ARG B 221 -25.89 -12.76 -29.07
CA ARG B 221 -25.91 -12.64 -30.54
C ARG B 221 -25.36 -11.29 -30.97
N VAL B 222 -24.31 -11.39 -31.78
CA VAL B 222 -23.62 -10.21 -32.33
C VAL B 222 -23.62 -10.30 -33.85
N PRO B 223 -24.18 -9.26 -34.45
CA PRO B 223 -24.25 -9.16 -35.91
C PRO B 223 -22.83 -9.22 -36.47
N LYS B 224 -22.69 -9.97 -37.55
CA LYS B 224 -21.40 -10.15 -38.23
C LYS B 224 -20.89 -8.78 -38.69
N GLU B 225 -21.77 -7.82 -38.67
CA GLU B 225 -21.58 -6.41 -39.04
C GLU B 225 -20.75 -5.72 -37.95
N ASN B 226 -20.72 -6.34 -36.79
CA ASN B 226 -20.00 -5.82 -35.60
C ASN B 226 -18.59 -6.36 -35.51
N VAL B 227 -18.21 -7.25 -36.45
CA VAL B 227 -16.85 -7.78 -36.54
C VAL B 227 -15.93 -6.68 -37.09
N LEU B 228 -14.85 -6.45 -36.38
CA LEU B 228 -13.92 -5.37 -36.73
C LEU B 228 -13.28 -5.52 -38.14
N THR B 229 -12.19 -6.25 -38.28
CA THR B 229 -11.58 -6.31 -39.61
C THR B 229 -12.04 -7.59 -40.31
N GLY B 230 -12.20 -8.61 -39.52
CA GLY B 230 -12.64 -9.91 -39.98
C GLY B 230 -12.29 -10.95 -38.92
N GLU B 231 -12.77 -12.11 -39.20
CA GLU B 231 -12.54 -13.30 -38.37
C GLU B 231 -11.07 -13.65 -38.45
N GLY B 232 -10.43 -13.75 -37.29
CA GLY B 232 -9.02 -14.09 -37.18
C GLY B 232 -8.09 -12.91 -37.02
N ALA B 233 -8.59 -11.70 -37.19
CA ALA B 233 -7.77 -10.48 -37.06
C ALA B 233 -7.81 -9.88 -35.66
N GLY B 234 -8.28 -10.65 -34.70
CA GLY B 234 -8.44 -10.25 -33.31
C GLY B 234 -7.15 -9.91 -32.59
N PHE B 235 -6.21 -10.83 -32.63
CA PHE B 235 -4.90 -10.72 -31.99
C PHE B 235 -4.12 -9.51 -32.47
N LYS B 236 -4.10 -9.33 -33.77
CA LYS B 236 -3.40 -8.22 -34.43
C LYS B 236 -3.96 -6.87 -33.97
N ILE B 237 -5.26 -6.82 -33.77
CA ILE B 237 -5.92 -5.57 -33.32
C ILE B 237 -5.58 -5.27 -31.87
N ALA B 238 -5.60 -6.30 -31.04
CA ALA B 238 -5.28 -6.16 -29.62
C ALA B 238 -3.83 -5.73 -29.43
N MET B 239 -2.91 -6.42 -30.07
CA MET B 239 -1.48 -6.13 -29.98
C MET B 239 -1.15 -4.73 -30.51
N GLY B 240 -1.84 -4.32 -31.55
CA GLY B 240 -1.62 -3.04 -32.23
C GLY B 240 -2.14 -1.88 -31.41
N THR B 241 -3.07 -2.20 -30.54
CA THR B 241 -3.74 -1.26 -29.64
C THR B 241 -2.80 -0.77 -28.55
N PHE B 242 -1.93 -1.65 -28.08
CA PHE B 242 -1.00 -1.29 -26.99
C PHE B 242 0.03 -0.25 -27.42
N ASP B 243 0.39 -0.27 -28.68
CA ASP B 243 1.37 0.70 -29.22
C ASP B 243 0.90 2.14 -28.92
N LYS B 244 -0.39 2.34 -29.07
CA LYS B 244 -1.03 3.64 -28.86
C LYS B 244 -1.48 3.88 -27.43
N THR B 245 -1.79 2.81 -26.75
CA THR B 245 -2.31 2.82 -25.38
C THR B 245 -1.25 2.81 -24.28
N ARG B 246 -0.12 2.17 -24.52
CA ARG B 246 0.95 2.02 -23.54
C ARG B 246 1.47 3.36 -23.01
N PRO B 247 1.86 4.25 -23.89
CA PRO B 247 2.36 5.59 -23.50
C PRO B 247 1.45 6.31 -22.53
N PRO B 248 0.18 6.47 -22.84
CA PRO B 248 -0.79 7.14 -21.98
C PRO B 248 -0.96 6.52 -20.61
N VAL B 249 -0.85 5.20 -20.50
CA VAL B 249 -1.01 4.56 -19.17
C VAL B 249 0.25 4.94 -18.37
N ALA B 250 1.37 5.02 -19.08
CA ALA B 250 2.64 5.40 -18.45
C ALA B 250 2.56 6.82 -17.90
N ALA B 251 1.87 7.69 -18.62
CA ALA B 251 1.71 9.10 -18.23
C ALA B 251 0.89 9.24 -16.95
N GLY B 252 -0.07 8.34 -16.79
CA GLY B 252 -0.95 8.34 -15.62
C GLY B 252 -0.10 8.09 -14.37
N ALA B 253 0.88 7.20 -14.63
CA ALA B 253 1.76 6.72 -13.55
C ALA B 253 2.67 7.86 -13.06
N VAL B 254 3.29 8.57 -14.00
CA VAL B 254 4.19 9.69 -13.64
C VAL B 254 3.36 10.89 -13.21
N GLY B 255 1.99 10.85 -13.47
CA GLY B 255 1.01 11.82 -12.93
C GLY B 255 0.87 11.60 -11.41
N LEU B 256 0.61 10.44 -11.00
CA LEU B 256 0.40 10.00 -9.61
C LEU B 256 1.72 10.13 -8.85
N ALA B 257 2.83 9.95 -9.58
CA ALA B 257 4.19 10.14 -9.05
C ALA B 257 4.51 11.61 -8.83
N GLN B 258 4.02 12.45 -9.73
CA GLN B 258 4.26 13.91 -9.62
C GLN B 258 3.52 14.42 -8.39
N ARG B 259 2.34 13.85 -8.18
CA ARG B 259 1.51 14.21 -7.02
C ARG B 259 2.26 13.86 -5.74
N ALA B 260 2.79 12.66 -5.71
CA ALA B 260 3.55 12.12 -4.57
C ALA B 260 4.72 13.04 -4.22
N LEU B 261 5.46 13.43 -5.25
CA LEU B 261 6.62 14.30 -5.12
C LEU B 261 6.26 15.67 -4.55
N ASP B 262 5.21 16.28 -5.05
CA ASP B 262 4.73 17.59 -4.68
C ASP B 262 4.35 17.67 -3.20
N GLU B 263 3.50 16.74 -2.82
CA GLU B 263 3.02 16.64 -1.44
C GLU B 263 4.18 16.50 -0.46
N ALA B 264 5.05 15.55 -0.79
CA ALA B 264 6.22 15.23 0.02
C ALA B 264 7.10 16.45 0.19
N THR B 265 7.33 17.15 -0.92
CA THR B 265 8.16 18.37 -0.89
C THR B 265 7.49 19.42 -0.02
N LYS B 266 6.22 19.64 -0.23
CA LYS B 266 5.44 20.63 0.55
C LYS B 266 5.58 20.37 2.05
N TYR B 267 5.40 19.13 2.47
CA TYR B 267 5.49 18.77 3.89
C TYR B 267 6.91 18.97 4.41
N ALA B 268 7.90 18.46 3.69
CA ALA B 268 9.31 18.58 4.07
C ALA B 268 9.72 20.02 4.34
N LEU B 269 9.05 20.94 3.68
CA LEU B 269 9.33 22.39 3.79
C LEU B 269 8.47 23.07 4.84
N GLU B 270 7.92 22.31 5.74
CA GLU B 270 6.91 22.77 6.71
C GLU B 270 7.16 22.12 8.07
N ARG B 271 7.45 20.82 8.02
CA ARG B 271 7.66 20.02 9.24
C ARG B 271 9.07 20.21 9.76
N LYS B 272 9.16 20.25 11.06
CA LYS B 272 10.42 20.42 11.78
C LYS B 272 10.65 19.28 12.77
N THR B 273 11.91 18.88 12.82
CA THR B 273 12.43 17.86 13.71
C THR B 273 13.91 18.19 13.97
N PHE B 274 14.30 18.03 15.21
CA PHE B 274 15.68 18.29 15.64
C PHE B 274 16.10 19.71 15.32
N GLY B 275 15.14 20.61 15.39
CA GLY B 275 15.29 22.02 15.19
C GLY B 275 15.42 22.50 13.76
N LYS B 276 15.28 21.59 12.80
CA LYS B 276 15.39 21.93 11.38
C LYS B 276 14.21 21.37 10.58
N LEU B 277 13.96 22.02 9.47
CA LEU B 277 13.01 21.54 8.47
C LEU B 277 13.47 20.17 7.96
N LEU B 278 12.56 19.29 7.60
CA LEU B 278 12.88 17.95 7.09
C LEU B 278 13.83 18.04 5.89
N ALA B 279 13.51 18.98 5.02
CA ALA B 279 14.27 19.22 3.79
C ALA B 279 15.73 19.54 4.10
N GLU B 280 16.01 19.96 5.37
CA GLU B 280 17.35 20.40 5.75
C GLU B 280 18.20 19.23 6.28
N HIS B 281 17.59 18.05 6.35
CA HIS B 281 18.31 16.83 6.78
C HIS B 281 18.74 16.09 5.53
N GLN B 282 20.01 16.06 5.32
CA GLN B 282 20.61 15.53 4.08
C GLN B 282 20.00 14.20 3.67
N GLY B 283 19.52 13.44 4.63
CA GLY B 283 18.89 12.14 4.41
C GLY B 283 17.58 12.31 3.64
N ILE B 284 16.88 13.38 3.97
CA ILE B 284 15.61 13.71 3.32
C ILE B 284 15.87 14.38 1.98
N SER B 285 16.81 15.31 2.01
CA SER B 285 17.18 16.06 0.79
C SER B 285 17.57 15.08 -0.32
N PHE B 286 18.25 14.03 0.04
CA PHE B 286 18.72 12.97 -0.87
C PHE B 286 17.55 12.15 -1.40
N LEU B 287 16.62 11.88 -0.49
CA LEU B 287 15.41 11.11 -0.83
C LEU B 287 14.66 11.89 -1.90
N LEU B 288 14.33 13.11 -1.59
CA LEU B 288 13.62 14.03 -2.49
C LEU B 288 14.32 14.13 -3.85
N ALA B 289 15.63 14.12 -3.81
CA ALA B 289 16.47 14.22 -5.02
C ALA B 289 16.23 13.01 -5.92
N ASP B 290 16.31 11.83 -5.32
CA ASP B 290 16.10 10.55 -6.03
C ASP B 290 14.69 10.50 -6.60
N MET B 291 13.74 10.91 -5.77
CA MET B 291 12.32 10.95 -6.16
C MET B 291 12.18 11.84 -7.41
N ALA B 292 12.79 13.01 -7.32
CA ALA B 292 12.75 14.00 -8.41
C ALA B 292 13.31 13.40 -9.70
N MET B 293 14.45 12.77 -9.55
CA MET B 293 15.19 12.12 -10.64
C MET B 293 14.28 11.19 -11.43
N LYS B 294 13.67 10.27 -10.73
CA LYS B 294 12.77 9.26 -11.27
C LYS B 294 11.56 9.82 -12.01
N VAL B 295 10.93 10.85 -11.50
CA VAL B 295 9.76 11.44 -12.16
C VAL B 295 10.15 11.94 -13.57
N GLU B 296 11.25 12.67 -13.59
CA GLU B 296 11.79 13.26 -14.82
C GLU B 296 12.18 12.18 -15.83
N LEU B 297 12.78 11.13 -15.35
CA LEU B 297 13.21 10.02 -16.22
C LEU B 297 11.99 9.35 -16.85
N ALA B 298 11.00 9.11 -16.01
CA ALA B 298 9.74 8.46 -16.44
C ALA B 298 9.04 9.33 -17.47
N ARG B 299 8.98 10.62 -17.21
CA ARG B 299 8.32 11.58 -18.11
C ARG B 299 8.90 11.45 -19.52
N LEU B 300 10.21 11.55 -19.60
CA LEU B 300 10.95 11.48 -20.86
C LEU B 300 10.69 10.18 -21.61
N SER B 301 10.53 9.09 -20.86
CA SER B 301 10.32 7.77 -21.46
C SER B 301 8.99 7.70 -22.20
N TYR B 302 7.85 8.42 -21.52
CA TYR B 302 6.62 8.15 -22.27
C TYR B 302 6.47 9.15 -23.42
N GLN B 303 7.26 10.23 -23.38
CA GLN B 303 7.35 11.20 -24.48
C GLN B 303 8.00 10.51 -25.68
N ARG B 304 9.15 9.90 -25.42
CA ARG B 304 9.90 9.18 -26.45
C ARG B 304 9.02 8.15 -27.17
N ALA B 305 8.22 7.44 -26.41
CA ALA B 305 7.34 6.40 -26.93
C ALA B 305 6.15 6.97 -27.68
N ALA B 306 5.68 8.12 -27.22
CA ALA B 306 4.53 8.82 -27.81
C ALA B 306 4.90 9.42 -29.17
N TRP B 307 6.04 10.08 -29.17
CA TRP B 307 6.54 10.72 -30.40
C TRP B 307 6.64 9.68 -31.50
N GLU B 308 7.28 8.58 -31.18
CA GLU B 308 7.52 7.43 -32.05
C GLU B 308 6.29 6.94 -32.78
N ILE B 309 5.21 6.70 -32.06
CA ILE B 309 3.95 6.21 -32.63
C ILE B 309 3.29 7.31 -33.47
N ASP B 310 3.41 8.54 -32.99
CA ASP B 310 2.84 9.69 -33.72
C ASP B 310 3.58 9.83 -35.06
N SER B 311 4.82 9.39 -35.06
CA SER B 311 5.70 9.44 -36.24
C SER B 311 5.37 8.32 -37.21
N GLY B 312 4.41 7.50 -36.84
CA GLY B 312 3.93 6.38 -37.65
C GLY B 312 4.84 5.17 -37.65
N ARG B 313 5.44 4.91 -36.48
CA ARG B 313 6.34 3.77 -36.30
C ARG B 313 5.95 2.98 -35.06
N ARG B 314 6.13 1.68 -35.15
CA ARG B 314 5.83 0.75 -34.04
C ARG B 314 6.79 1.11 -32.92
N ASN B 315 6.22 1.38 -31.76
CA ASN B 315 6.95 1.82 -30.57
C ASN B 315 7.00 0.81 -29.44
N THR B 316 6.67 -0.42 -29.69
CA THR B 316 6.62 -1.49 -28.69
C THR B 316 7.76 -1.46 -27.69
N TYR B 317 8.97 -1.40 -28.18
CA TYR B 317 10.18 -1.37 -27.34
C TYR B 317 10.17 -0.20 -26.37
N TYR B 318 9.97 0.99 -26.90
CA TYR B 318 9.94 2.25 -26.15
C TYR B 318 8.74 2.33 -25.21
N ALA B 319 7.61 1.87 -25.67
CA ALA B 319 6.35 1.91 -24.91
C ALA B 319 6.41 0.97 -23.70
N SER B 320 7.16 -0.10 -23.86
CA SER B 320 7.33 -1.12 -22.81
C SER B 320 8.27 -0.56 -21.74
N ILE B 321 9.32 0.09 -22.20
CA ILE B 321 10.29 0.71 -21.28
C ILE B 321 9.57 1.70 -20.37
N ALA B 322 8.79 2.54 -21.00
CA ALA B 322 8.04 3.61 -20.35
C ALA B 322 7.02 3.08 -19.35
N LYS B 323 6.20 2.15 -19.79
CA LYS B 323 5.16 1.55 -18.94
C LYS B 323 5.83 0.86 -17.74
N ALA B 324 6.87 0.09 -18.02
CA ALA B 324 7.62 -0.62 -17.00
C ALA B 324 8.29 0.34 -16.02
N TYR B 325 9.04 1.30 -16.50
CA TYR B 325 9.75 2.23 -15.61
C TYR B 325 8.81 3.12 -14.81
N ALA B 326 7.86 3.76 -15.45
CA ALA B 326 6.89 4.64 -14.81
C ALA B 326 6.09 3.93 -13.73
N ALA B 327 5.72 2.69 -13.98
CA ALA B 327 4.93 1.89 -13.04
C ALA B 327 5.70 1.64 -11.74
N ASP B 328 6.98 1.35 -11.93
CA ASP B 328 7.87 1.06 -10.81
C ASP B 328 8.09 2.31 -9.95
N ILE B 329 8.55 3.37 -10.58
CA ILE B 329 8.84 4.61 -9.82
C ILE B 329 7.59 5.17 -9.19
N ALA B 330 6.44 4.97 -9.80
CA ALA B 330 5.16 5.43 -9.23
C ALA B 330 4.99 4.80 -7.85
N ASN B 331 5.36 3.55 -7.78
CA ASN B 331 5.28 2.73 -6.56
C ASN B 331 6.32 3.10 -5.51
N GLN B 332 7.53 3.36 -5.95
CA GLN B 332 8.62 3.76 -5.03
C GLN B 332 8.33 5.14 -4.43
N LEU B 333 7.91 6.05 -5.28
CA LEU B 333 7.60 7.42 -4.87
C LEU B 333 6.43 7.52 -3.89
N ALA B 334 5.41 6.73 -4.12
CA ALA B 334 4.21 6.73 -3.27
C ALA B 334 4.56 6.28 -1.87
N THR B 335 5.48 5.34 -1.78
CA THR B 335 5.90 4.80 -0.47
C THR B 335 6.85 5.76 0.22
N ASP B 336 7.63 6.48 -0.56
CA ASP B 336 8.58 7.47 -0.04
C ASP B 336 7.87 8.74 0.43
N ALA B 337 6.74 9.03 -0.18
CA ALA B 337 5.93 10.22 0.18
C ALA B 337 5.27 9.96 1.53
N VAL B 338 4.77 8.76 1.70
CA VAL B 338 4.13 8.33 2.96
C VAL B 338 5.20 8.41 4.06
N GLN B 339 6.40 8.03 3.67
CA GLN B 339 7.56 8.02 4.55
C GLN B 339 7.88 9.42 5.06
N VAL B 340 7.93 10.38 4.15
CA VAL B 340 8.26 11.76 4.54
C VAL B 340 7.27 12.32 5.54
N PHE B 341 6.03 11.96 5.42
CA PHE B 341 4.91 12.37 6.26
C PHE B 341 4.92 11.72 7.64
N GLY B 342 5.69 10.67 7.80
CA GLY B 342 5.76 9.94 9.08
C GLY B 342 4.37 9.34 9.36
N GLY B 343 3.98 9.44 10.62
CA GLY B 343 2.72 8.94 11.13
C GLY B 343 1.47 9.50 10.46
N ASN B 344 1.54 10.74 9.99
CA ASN B 344 0.40 11.39 9.32
C ASN B 344 0.15 10.70 7.96
N GLY B 345 1.22 10.26 7.35
CA GLY B 345 1.24 9.61 6.04
C GLY B 345 0.44 8.31 6.03
N PHE B 346 0.45 7.63 7.15
CA PHE B 346 -0.26 6.35 7.35
C PHE B 346 -1.73 6.63 7.64
N ASN B 347 -1.99 7.90 7.90
CA ASN B 347 -3.34 8.38 8.22
C ASN B 347 -4.08 8.82 6.96
N THR B 348 -5.28 8.47 6.94
CA THR B 348 -6.36 8.55 5.93
C THR B 348 -6.80 10.00 5.76
N GLU B 349 -6.41 10.91 6.65
CA GLU B 349 -6.78 12.33 6.58
C GLU B 349 -5.80 13.14 5.75
N TYR B 350 -4.74 12.49 5.34
CA TYR B 350 -3.64 13.01 4.52
C TYR B 350 -3.74 12.37 3.16
N PRO B 351 -3.29 13.08 2.12
CA PRO B 351 -3.38 12.63 0.75
C PRO B 351 -2.43 11.60 0.19
N VAL B 352 -1.45 11.10 0.90
CA VAL B 352 -0.47 10.16 0.33
C VAL B 352 -0.72 8.68 0.49
N GLU B 353 -1.41 8.23 1.51
CA GLU B 353 -1.66 6.77 1.69
C GLU B 353 -2.48 6.26 0.52
N LYS B 354 -3.42 7.06 0.08
CA LYS B 354 -4.31 6.79 -1.06
C LYS B 354 -3.47 6.53 -2.31
N LEU B 355 -2.47 7.38 -2.47
CA LEU B 355 -1.52 7.33 -3.57
C LEU B 355 -0.79 5.98 -3.57
N MET B 356 -0.44 5.55 -2.37
CA MET B 356 0.25 4.27 -2.15
C MET B 356 -0.65 3.11 -2.56
N ARG B 357 -1.92 3.20 -2.25
CA ARG B 357 -2.89 2.15 -2.60
C ARG B 357 -3.17 2.14 -4.11
N ASP B 358 -3.29 3.30 -4.69
CA ASP B 358 -3.58 3.52 -6.10
C ASP B 358 -2.48 3.04 -7.06
N ALA B 359 -1.25 3.43 -6.76
CA ALA B 359 -0.08 3.17 -7.58
C ALA B 359 0.21 1.73 -7.93
N LYS B 360 -0.24 0.80 -7.12
CA LYS B 360 0.03 -0.63 -7.28
C LYS B 360 -0.48 -1.24 -8.56
N ILE B 361 -1.61 -0.80 -9.12
CA ILE B 361 -2.14 -1.41 -10.34
C ILE B 361 -1.20 -1.26 -11.55
N TYR B 362 -0.45 -0.19 -11.55
CA TYR B 362 0.46 0.10 -12.67
C TYR B 362 1.43 -1.04 -12.92
N GLN B 363 1.71 -1.83 -11.90
CA GLN B 363 2.62 -2.97 -12.00
C GLN B 363 1.89 -4.25 -12.37
N ILE B 364 0.58 -4.17 -12.50
CA ILE B 364 -0.29 -5.29 -12.81
C ILE B 364 -1.06 -5.18 -14.11
N TYR B 365 -1.96 -4.21 -14.17
CA TYR B 365 -2.82 -4.02 -15.35
C TYR B 365 -2.03 -3.50 -16.54
N GLU B 366 -2.55 -3.81 -17.72
CA GLU B 366 -1.96 -3.42 -19.00
C GLU B 366 -0.53 -3.91 -19.13
N GLY B 367 -0.37 -5.21 -18.95
CA GLY B 367 0.92 -5.90 -19.01
C GLY B 367 1.66 -5.74 -17.68
N THR B 368 1.66 -6.80 -16.89
CA THR B 368 2.33 -6.81 -15.59
C THR B 368 3.78 -6.36 -15.76
N ALA B 369 4.45 -6.15 -14.65
CA ALA B 369 5.86 -5.75 -14.60
C ALA B 369 6.76 -6.77 -15.30
N GLN B 370 6.47 -8.03 -15.03
CA GLN B 370 7.20 -9.18 -15.59
C GLN B 370 6.99 -9.24 -17.11
N ILE B 371 5.72 -9.20 -17.50
CA ILE B 371 5.35 -9.25 -18.92
C ILE B 371 6.13 -8.21 -19.72
N GLN B 372 6.30 -7.03 -19.15
CA GLN B 372 7.02 -5.93 -19.82
C GLN B 372 8.46 -6.29 -20.13
N ARG B 373 9.13 -6.98 -19.21
CA ARG B 373 10.53 -7.38 -19.40
C ARG B 373 10.63 -8.42 -20.51
N ILE B 374 9.54 -9.14 -20.70
CA ILE B 374 9.47 -10.17 -21.75
C ILE B 374 9.48 -9.47 -23.10
N ILE B 375 8.64 -8.47 -23.19
CA ILE B 375 8.49 -7.65 -24.41
C ILE B 375 9.82 -6.97 -24.73
N ILE B 376 10.34 -6.25 -23.75
CA ILE B 376 11.61 -5.53 -23.87
C ILE B 376 12.72 -6.45 -24.36
N ALA B 377 12.90 -7.56 -23.66
CA ALA B 377 13.94 -8.54 -23.98
C ALA B 377 13.81 -9.04 -25.41
N ARG B 378 12.58 -9.35 -25.77
CA ARG B 378 12.25 -9.88 -27.10
C ARG B 378 12.58 -8.85 -28.19
N GLU B 379 12.23 -7.60 -27.90
CA GLU B 379 12.45 -6.48 -28.82
C GLU B 379 13.91 -6.08 -28.95
N HIS B 380 14.63 -6.19 -27.86
CA HIS B 380 16.06 -5.84 -27.76
C HIS B 380 16.91 -6.85 -28.49
N ILE B 381 16.59 -8.11 -28.32
CA ILE B 381 17.33 -9.22 -28.97
C ILE B 381 17.14 -9.15 -30.48
N GLY B 382 15.94 -8.76 -30.86
CA GLY B 382 15.57 -8.61 -32.28
C GLY B 382 16.59 -7.74 -33.00
N ARG B 383 17.07 -6.75 -32.26
CA ARG B 383 18.06 -5.78 -32.74
C ARG B 383 19.42 -6.39 -32.97
N TYR B 384 19.61 -7.62 -32.52
CA TYR B 384 20.90 -8.32 -32.68
C TYR B 384 20.71 -9.44 -33.70
N LYS B 385 19.88 -9.09 -34.66
CA LYS B 385 19.48 -9.89 -35.82
C LYS B 385 18.93 -8.92 -36.88
PA FAD C . 8.39 12.89 12.01
O1A FAD C . 9.27 12.76 13.18
O2A FAD C . 7.72 14.20 11.77
O5B FAD C . 9.31 12.58 10.74
C5B FAD C . 8.89 12.78 9.39
C4B FAD C . 9.84 12.00 8.48
O4B FAD C . 11.15 12.63 8.55
C3B FAD C . 10.04 10.55 8.87
O3B FAD C . 10.11 9.71 7.73
C2B FAD C . 11.36 10.56 9.65
O2B FAD C . 12.06 9.35 9.53
C1B FAD C . 12.12 11.71 8.98
N9A FAD C . 13.03 12.38 9.90
C8A FAD C . 12.78 13.06 11.06
N7A FAD C . 13.85 13.54 11.65
C5A FAD C . 14.88 13.14 10.83
C6A FAD C . 16.28 13.34 10.90
N6A FAD C . 16.88 14.01 11.89
N1A FAD C . 17.03 12.83 9.90
C2A FAD C . 16.42 12.16 8.92
N3A FAD C . 15.13 11.91 8.74
C4A FAD C . 14.40 12.44 9.74
N1 FAD C . 3.72 6.66 19.51
C2 FAD C . 3.63 6.38 20.84
O2 FAD C . 4.22 7.09 21.65
N3 FAD C . 2.86 5.32 21.28
C4 FAD C . 2.19 4.48 20.40
O4 FAD C . 1.53 3.58 20.83
C4X FAD C . 2.34 4.77 18.98
N5 FAD C . 1.64 4.00 18.03
C5X FAD C . 1.61 4.43 16.74
C6 FAD C . 0.77 3.79 15.84
C7 FAD C . 0.69 4.22 14.51
C7M FAD C . -0.24 3.51 13.53
C8 FAD C . 1.48 5.30 14.06
C8M FAD C . 1.40 5.75 12.61
C9 FAD C . 2.33 5.95 14.94
C9A FAD C . 2.40 5.53 16.27
N10 FAD C . 3.22 6.16 17.22
C10 FAD C . 3.11 5.88 18.58
C1' FAD C . 4.02 7.28 16.68
C2' FAD C . 5.41 7.01 16.21
O2' FAD C . 6.27 6.93 17.36
C3' FAD C . 5.85 8.10 15.25
O3' FAD C . 4.85 8.17 14.19
C4' FAD C . 7.20 7.87 14.60
O4' FAD C . 8.22 7.98 15.64
C5' FAD C . 7.48 9.01 13.63
O5' FAD C . 7.44 10.38 14.17
P FAD C . 6.49 11.44 13.40
O1P FAD C . 5.24 10.72 13.06
O2P FAD C . 6.43 12.64 14.23
O3P FAD C . 7.28 11.76 12.05
PA FAD D . -1.62 -13.50 -14.02
O1A FAD D . -1.49 -13.37 -15.49
O2A FAD D . -2.18 -14.76 -13.48
O5B FAD D . -0.14 -13.35 -13.42
C5B FAD D . 0.16 -13.60 -12.07
C4B FAD D . 1.59 -13.20 -11.76
O4B FAD D . 2.51 -14.06 -12.49
C3B FAD D . 1.96 -11.77 -12.15
O3B FAD D . 3.00 -11.31 -11.26
C2B FAD D . 2.58 -11.94 -13.55
O2B FAD D . 3.56 -10.94 -13.77
C1B FAD D . 3.29 -13.29 -13.38
N9A FAD D . 3.41 -13.99 -14.65
C8A FAD D . 2.46 -14.49 -15.50
N7A FAD D . 2.94 -15.07 -16.57
C5A FAD D . 4.32 -14.96 -16.41
C6A FAD D . 5.40 -15.37 -17.21
N6A FAD D . 5.25 -16.01 -18.38
N1A FAD D . 6.65 -15.10 -16.78
C2A FAD D . 6.79 -14.44 -15.62
N3A FAD D . 5.85 -14.00 -14.78
C4A FAD D . 4.63 -14.29 -15.25
N1 FAD D . -8.26 -6.30 -18.38
C2 FAD D . -8.94 -5.94 -19.52
O2 FAD D . -8.93 -6.68 -20.49
N3 FAD D . -9.63 -4.75 -19.57
C4 FAD D . -9.68 -3.88 -18.49
O4 FAD D . -10.30 -2.85 -18.59
C4X FAD D . -8.94 -4.26 -17.30
N5 FAD D . -8.96 -3.42 -16.17
C5X FAD D . -8.40 -3.86 -15.01
C6 FAD D . -8.56 -3.09 -13.86
C7 FAD D . -8.00 -3.51 -12.65
C7M FAD D . -8.16 -2.67 -11.40
C8 FAD D . -7.29 -4.73 -12.58
C8M FAD D . -6.70 -5.19 -11.26
C9 FAD D . -7.15 -5.50 -13.71
C9A FAD D . -7.68 -5.10 -14.92
N10 FAD D . -7.58 -5.84 -16.11
C10 FAD D . -8.26 -5.50 -17.27
C1' FAD D . -6.81 -7.10 -15.95
C2' FAD D . -5.33 -6.99 -16.05
O2' FAD D . -4.94 -6.56 -17.35
C3' FAD D . -4.70 -8.32 -15.66
O3' FAD D . -4.93 -8.43 -14.22
C4' FAD D . -3.20 -8.35 -15.92
O4' FAD D . -3.05 -8.63 -17.34
C5' FAD D . -2.58 -9.52 -15.19
O5' FAD D . -3.18 -10.81 -15.37
P FAD D . -3.75 -11.73 -14.19
O1P FAD D . -4.55 -10.93 -13.25
O2P FAD D . -4.43 -12.87 -14.89
O3P FAD D . -2.47 -12.29 -13.46
#